data_7KV1
#
_entry.id   7KV1
#
_cell.length_a   76.270
_cell.length_b   53.583
_cell.length_c   126.850
_cell.angle_alpha   90.000
_cell.angle_beta   93.040
_cell.angle_gamma   90.000
#
_symmetry.space_group_name_H-M   'P 1 21 1'
#
loop_
_entity.id
_entity.type
_entity.pdbx_description
1 polymer 'SusD family protein'
2 non-polymer 'COBALT HEXAMMINE(III)'
3 non-polymer 1,2-ETHANEDIOL
4 non-polymer 2-[BIS-(2-HYDROXY-ETHYL)-AMINO]-2-HYDROXYMETHYL-PROPANE-1,3-DIOL
5 water water
#
_entity_poly.entity_id   1
_entity_poly.type   'polypeptide(L)'
_entity_poly.pdbx_seq_one_letter_code
;MKTNKILAIGLLAAATVLTTGCSDSFLEVENPTGEPLEDYYTTDEHIQEALIAAYDPLHWPDWGLGQYNALNIDGEIMGD
NFWVGGATKTDMQNWHMLFNYEANENNTLGSLWTVDYSGIKRCNDLLKYLDWGTDVTEANRKLYEMQARLLRVFYYNMLW
HYFGNVPFYLENLSEPPYTAPQYTADQVYAELIAELEAVIDSKVLPLKYYKTIKEGKEVDDEGQLGRVTQAMAYMVYAEM
VMYQNDESRFSKALGYMKELIDSPSFRLNPSFANIWETEGEWCDESIWEINYEQTNNERGWGSPLAVGGTVLPTLISPNS
FPGDDGWSKGNDGWGFMPMRLETYQMFSEQDKRRDATCWVIAEDVEYTKRYQDTHIWLQKYRPYDKNFKQSSGDQNLNYN
NNYRYYRYAETLLNAAELSLRTGGSGTGEAKTWLNEVRTRAGLAGLANVTVDDVLTERRLEFVGEGKRYFDLVRAEGISG
ASASNKATTALVPDEYGYRTNSWTAKKKYIPIAQGELDSDPALVQNAYK
;
_entity_poly.pdbx_strand_id   A,B
#
# COMPACT_ATOMS: atom_id res chain seq x y z
N THR A 43 21.93 -26.70 5.01
CA THR A 43 21.03 -26.72 6.22
C THR A 43 19.59 -27.00 5.78
N ASP A 44 18.92 -28.00 6.38
CA ASP A 44 17.46 -28.23 6.27
C ASP A 44 16.74 -26.97 6.73
N GLU A 45 17.23 -26.32 7.79
CA GLU A 45 16.71 -25.02 8.29
C GLU A 45 16.68 -23.99 7.14
N HIS A 46 17.81 -23.75 6.46
CA HIS A 46 17.90 -22.73 5.38
C HIS A 46 16.99 -23.15 4.20
N ILE A 47 17.09 -24.39 3.73
CA ILE A 47 16.19 -24.94 2.66
C ILE A 47 14.72 -24.67 3.04
N GLN A 48 14.33 -24.94 4.29
CA GLN A 48 12.94 -24.68 4.77
C GLN A 48 12.63 -23.17 4.65
N GLU A 49 13.61 -22.30 4.91
CA GLU A 49 13.40 -20.83 4.81
C GLU A 49 13.08 -20.50 3.36
N ALA A 50 13.89 -21.00 2.42
CA ALA A 50 13.68 -20.81 0.97
C ALA A 50 12.30 -21.37 0.54
N LEU A 51 11.86 -22.50 1.12
CA LEU A 51 10.52 -23.07 0.80
C LEU A 51 9.43 -22.11 1.29
N ILE A 52 9.52 -21.61 2.53
CA ILE A 52 8.57 -20.58 3.03
C ILE A 52 8.56 -19.38 2.08
N ALA A 53 9.74 -18.95 1.63
CA ALA A 53 9.87 -17.80 0.71
C ALA A 53 9.06 -18.05 -0.58
N ALA A 54 9.00 -19.29 -1.06
CA ALA A 54 8.30 -19.69 -2.30
C ALA A 54 6.77 -19.64 -2.10
N TYR A 55 6.26 -19.83 -0.85
CA TYR A 55 4.83 -19.77 -0.46
C TYR A 55 4.40 -18.31 -0.34
N ASP A 56 5.35 -17.45 -0.04
CA ASP A 56 5.06 -16.06 0.39
C ASP A 56 4.27 -15.27 -0.67
N PRO A 57 4.61 -15.29 -1.98
CA PRO A 57 3.92 -14.44 -2.94
C PRO A 57 2.43 -14.74 -3.12
N LEU A 58 1.97 -15.91 -2.67
CA LEU A 58 0.53 -16.29 -2.66
C LEU A 58 -0.25 -15.18 -1.98
N HIS A 59 0.40 -14.47 -1.04
CA HIS A 59 -0.21 -13.47 -0.12
C HIS A 59 -0.08 -12.05 -0.69
N TRP A 60 0.75 -11.85 -1.71
CA TRP A 60 1.18 -10.50 -2.13
C TRP A 60 0.01 -9.69 -2.68
N PRO A 61 -0.96 -10.25 -3.44
CA PRO A 61 -2.09 -9.45 -3.93
C PRO A 61 -2.85 -8.72 -2.80
N ASP A 62 -3.11 -9.44 -1.69
CA ASP A 62 -3.93 -8.98 -0.54
C ASP A 62 -3.10 -8.14 0.45
N TRP A 63 -1.76 -8.14 0.36
CA TRP A 63 -0.85 -7.33 1.21
C TRP A 63 -0.55 -5.97 0.54
N GLY A 64 -0.75 -5.88 -0.78
CA GLY A 64 -0.63 -4.62 -1.56
C GLY A 64 0.73 -4.49 -2.24
N LEU A 65 0.94 -5.26 -3.32
CA LEU A 65 2.09 -5.09 -4.26
C LEU A 65 1.80 -3.86 -5.13
N GLY A 66 2.36 -2.70 -4.74
CA GLY A 66 2.12 -1.39 -5.38
C GLY A 66 0.74 -0.85 -5.06
N GLN A 67 -0.29 -1.70 -5.12
CA GLN A 67 -1.69 -1.33 -4.83
C GLN A 67 -2.44 -2.58 -4.36
N TYR A 68 -3.56 -2.39 -3.65
CA TYR A 68 -4.38 -3.47 -3.06
C TYR A 68 -5.10 -4.26 -4.18
N ASN A 69 -5.15 -5.57 -4.02
CA ASN A 69 -5.74 -6.51 -5.01
C ASN A 69 -6.19 -7.79 -4.28
N ALA A 70 -6.95 -8.65 -4.96
CA ALA A 70 -7.44 -9.93 -4.39
C ALA A 70 -7.74 -10.89 -5.55
N LEU A 71 -7.42 -12.16 -5.36
CA LEU A 71 -7.57 -13.18 -6.43
C LEU A 71 -9.06 -13.35 -6.76
N ASN A 72 -9.96 -13.26 -5.77
CA ASN A 72 -11.41 -13.47 -6.05
C ASN A 72 -11.92 -12.25 -6.82
N ILE A 73 -11.45 -11.02 -6.52
CA ILE A 73 -11.83 -9.82 -7.30
C ILE A 73 -11.39 -10.08 -8.76
N ASP A 74 -10.15 -10.48 -8.96
CA ASP A 74 -9.58 -10.66 -10.33
C ASP A 74 -10.40 -11.74 -11.07
N GLY A 75 -10.84 -12.79 -10.35
CA GLY A 75 -11.63 -13.88 -10.94
C GLY A 75 -13.11 -13.53 -11.11
N GLU A 76 -13.58 -12.41 -10.57
CA GLU A 76 -15.04 -12.11 -10.58
C GLU A 76 -15.32 -10.96 -11.54
N ILE A 77 -14.44 -9.96 -11.64
CA ILE A 77 -14.81 -8.69 -12.33
C ILE A 77 -15.16 -8.91 -13.80
N MET A 78 -14.64 -9.94 -14.46
CA MET A 78 -14.92 -10.12 -15.91
C MET A 78 -16.17 -10.98 -16.08
N GLY A 79 -16.76 -11.42 -14.95
CA GLY A 79 -17.94 -12.28 -14.91
C GLY A 79 -19.22 -11.48 -14.74
N ASP A 80 -20.25 -12.09 -14.17
CA ASP A 80 -21.62 -11.53 -14.11
C ASP A 80 -22.16 -11.49 -12.68
N ASN A 81 -21.34 -11.71 -11.64
CA ASN A 81 -21.88 -11.76 -10.24
C ASN A 81 -21.90 -10.35 -9.60
N PHE A 82 -20.94 -9.50 -9.96
CA PHE A 82 -20.65 -8.23 -9.22
C PHE A 82 -20.58 -7.07 -10.19
N TRP A 83 -20.66 -5.87 -9.64
CA TRP A 83 -20.15 -4.64 -10.29
C TRP A 83 -18.76 -4.39 -9.71
N VAL A 84 -17.95 -3.61 -10.39
CA VAL A 84 -16.59 -3.27 -9.91
C VAL A 84 -16.72 -2.32 -8.70
N GLY A 85 -17.54 -1.28 -8.82
CA GLY A 85 -17.73 -0.30 -7.72
C GLY A 85 -16.55 0.64 -7.57
N GLY A 86 -16.17 0.94 -6.34
CA GLY A 86 -15.22 2.01 -6.01
C GLY A 86 -15.87 3.38 -6.03
N ALA A 87 -15.08 4.44 -5.89
CA ALA A 87 -15.59 5.82 -5.76
C ALA A 87 -16.28 6.22 -7.06
N THR A 88 -15.66 5.92 -8.21
CA THR A 88 -16.13 6.29 -9.56
C THR A 88 -15.53 5.27 -10.53
N LYS A 89 -15.79 5.45 -11.83
CA LYS A 89 -15.34 4.47 -12.86
C LYS A 89 -13.84 4.62 -13.11
N THR A 90 -13.17 5.63 -12.54
CA THR A 90 -11.68 5.81 -12.66
C THR A 90 -10.99 5.29 -11.39
N ASP A 91 -11.75 4.81 -10.41
CA ASP A 91 -11.21 4.25 -9.15
C ASP A 91 -10.91 2.76 -9.44
N MET A 92 -9.65 2.36 -9.45
CA MET A 92 -9.17 1.09 -10.08
C MET A 92 -9.72 1.03 -11.50
N GLN A 93 -9.36 2.03 -12.29
CA GLN A 93 -9.75 2.12 -13.70
C GLN A 93 -9.43 0.79 -14.43
N ASN A 94 -8.32 0.13 -14.11
CA ASN A 94 -7.93 -1.14 -14.80
C ASN A 94 -9.06 -2.17 -14.58
N TRP A 95 -9.60 -2.26 -13.36
CA TRP A 95 -10.69 -3.21 -13.05
C TRP A 95 -11.94 -2.84 -13.86
N HIS A 96 -12.31 -1.55 -13.91
CA HIS A 96 -13.48 -1.10 -14.71
C HIS A 96 -13.27 -1.46 -16.18
N MET A 97 -12.07 -1.29 -16.70
CA MET A 97 -11.82 -1.53 -18.15
C MET A 97 -11.83 -3.06 -18.46
N LEU A 98 -11.29 -3.89 -17.58
CA LEU A 98 -11.33 -5.37 -17.70
C LEU A 98 -12.78 -5.82 -17.70
N PHE A 99 -13.57 -5.26 -16.79
CA PHE A 99 -15.01 -5.58 -16.61
C PHE A 99 -15.74 -5.37 -17.92
N ASN A 100 -15.36 -4.33 -18.66
CA ASN A 100 -16.03 -3.95 -19.93
C ASN A 100 -15.28 -4.44 -21.17
N TYR A 101 -14.27 -5.33 -21.02
CA TYR A 101 -13.53 -5.94 -22.17
C TYR A 101 -12.85 -4.87 -23.00
N GLU A 102 -12.32 -3.86 -22.31
CA GLU A 102 -11.66 -2.67 -22.91
C GLU A 102 -10.33 -2.42 -22.21
N ALA A 103 -9.74 -3.44 -21.59
CA ALA A 103 -8.39 -3.33 -20.99
C ALA A 103 -7.39 -2.98 -22.11
N ASN A 104 -6.22 -2.53 -21.73
CA ASN A 104 -5.12 -2.24 -22.66
C ASN A 104 -3.82 -2.40 -21.89
N GLU A 105 -2.71 -2.14 -22.57
CA GLU A 105 -1.36 -2.37 -22.01
C GLU A 105 -1.11 -1.42 -20.84
N ASN A 106 -1.92 -0.36 -20.65
CA ASN A 106 -1.73 0.52 -19.47
C ASN A 106 -2.78 0.22 -18.38
N ASN A 107 -3.71 -0.72 -18.63
CA ASN A 107 -4.92 -0.92 -17.77
C ASN A 107 -5.24 -2.42 -17.76
N THR A 108 -4.49 -3.18 -16.99
CA THR A 108 -4.55 -4.66 -16.94
C THR A 108 -4.13 -5.12 -15.54
N LEU A 109 -3.86 -6.40 -15.34
CA LEU A 109 -3.44 -6.96 -14.03
C LEU A 109 -1.93 -7.22 -14.03
N GLY A 110 -1.13 -6.20 -14.30
CA GLY A 110 0.35 -6.30 -14.34
C GLY A 110 0.93 -6.84 -13.04
N SER A 111 0.35 -6.48 -11.90
CA SER A 111 0.87 -6.90 -10.58
C SER A 111 0.78 -8.43 -10.43
N LEU A 112 -0.23 -9.05 -11.00
CA LEU A 112 -0.44 -10.52 -10.93
C LEU A 112 0.70 -11.21 -11.67
N TRP A 113 1.11 -10.65 -12.81
CA TRP A 113 2.29 -11.12 -13.59
C TRP A 113 3.55 -11.06 -12.70
N THR A 114 3.82 -9.94 -12.05
CA THR A 114 4.98 -9.77 -11.15
C THR A 114 4.89 -10.77 -9.99
N VAL A 115 3.74 -10.87 -9.31
CA VAL A 115 3.54 -11.85 -8.23
C VAL A 115 3.89 -13.25 -8.73
N ASP A 116 3.29 -13.68 -9.84
CA ASP A 116 3.44 -15.08 -10.33
C ASP A 116 4.91 -15.35 -10.69
N TYR A 117 5.58 -14.46 -11.44
CA TYR A 117 7.00 -14.67 -11.80
C TYR A 117 7.91 -14.58 -10.57
N SER A 118 7.55 -13.79 -9.56
CA SER A 118 8.29 -13.78 -8.27
C SER A 118 8.16 -15.15 -7.59
N GLY A 119 6.95 -15.70 -7.52
CA GLY A 119 6.76 -17.07 -7.04
C GLY A 119 7.60 -18.06 -7.81
N ILE A 120 7.53 -17.98 -9.14
CA ILE A 120 8.27 -18.94 -10.01
C ILE A 120 9.77 -18.86 -9.73
N LYS A 121 10.34 -17.66 -9.69
CA LYS A 121 11.78 -17.45 -9.38
C LYS A 121 12.14 -18.08 -8.02
N ARG A 122 11.30 -17.94 -7.00
CA ARG A 122 11.61 -18.50 -5.66
C ARG A 122 11.48 -20.01 -5.71
N CYS A 123 10.53 -20.55 -6.47
CA CYS A 123 10.43 -22.03 -6.66
C CYS A 123 11.69 -22.56 -7.33
N ASN A 124 12.11 -21.95 -8.45
CA ASN A 124 13.29 -22.40 -9.24
C ASN A 124 14.56 -22.36 -8.35
N ASP A 125 14.70 -21.33 -7.52
CA ASP A 125 15.84 -21.18 -6.57
C ASP A 125 15.85 -22.34 -5.57
N LEU A 126 14.73 -22.59 -4.88
CA LEU A 126 14.57 -23.72 -3.92
C LEU A 126 15.02 -24.99 -4.64
N LEU A 127 14.58 -25.23 -5.88
CA LEU A 127 14.92 -26.46 -6.61
C LEU A 127 16.42 -26.50 -6.93
N LYS A 128 17.07 -25.37 -7.23
CA LYS A 128 18.55 -25.31 -7.42
C LYS A 128 19.25 -25.74 -6.12
N TYR A 129 18.88 -25.12 -4.98
CA TYR A 129 19.48 -25.33 -3.64
C TYR A 129 19.35 -26.79 -3.18
N LEU A 130 18.36 -27.56 -3.66
CA LEU A 130 18.08 -28.90 -3.09
C LEU A 130 19.22 -29.89 -3.35
N ASP A 131 20.00 -29.76 -4.43
CA ASP A 131 21.17 -30.64 -4.67
C ASP A 131 22.38 -30.18 -3.82
N TRP A 132 22.48 -28.88 -3.50
CA TRP A 132 23.52 -28.33 -2.59
C TRP A 132 23.15 -28.59 -1.11
N GLY A 133 22.03 -29.28 -0.83
CA GLY A 133 21.63 -29.67 0.54
C GLY A 133 22.34 -30.94 0.97
N THR A 134 23.11 -30.91 2.06
CA THR A 134 23.98 -32.03 2.53
C THR A 134 23.24 -32.82 3.61
N ASP A 135 22.72 -32.15 4.65
CA ASP A 135 22.15 -32.76 5.87
C ASP A 135 20.65 -33.04 5.73
N VAL A 136 20.04 -32.72 4.58
CA VAL A 136 18.58 -32.94 4.32
C VAL A 136 18.39 -34.41 3.94
N THR A 137 17.44 -35.12 4.56
CA THR A 137 17.15 -36.54 4.23
C THR A 137 16.53 -36.62 2.84
N GLU A 138 16.60 -37.80 2.22
CA GLU A 138 16.04 -38.06 0.87
C GLU A 138 14.52 -37.77 0.89
N ALA A 139 13.84 -38.21 1.96
CA ALA A 139 12.38 -38.07 2.20
C ALA A 139 11.99 -36.59 2.26
N ASN A 140 12.71 -35.78 3.01
CA ASN A 140 12.41 -34.34 3.16
C ASN A 140 12.75 -33.62 1.84
N ARG A 141 13.80 -34.07 1.16
CA ARG A 141 14.22 -33.44 -0.12
C ARG A 141 13.08 -33.57 -1.12
N LYS A 142 12.49 -34.76 -1.19
CA LYS A 142 11.41 -35.08 -2.16
C LYS A 142 10.20 -34.24 -1.78
N LEU A 143 9.87 -34.16 -0.49
CA LEU A 143 8.76 -33.32 0.03
C LEU A 143 8.99 -31.86 -0.35
N TYR A 144 10.19 -31.32 -0.12
CA TYR A 144 10.49 -29.89 -0.41
C TYR A 144 10.38 -29.65 -1.92
N GLU A 145 10.92 -30.59 -2.70
CA GLU A 145 10.94 -30.57 -4.17
C GLU A 145 9.51 -30.51 -4.72
N MET A 146 8.67 -31.44 -4.28
CA MET A 146 7.30 -31.56 -4.84
C MET A 146 6.47 -30.37 -4.39
N GLN A 147 6.69 -29.82 -3.20
CA GLN A 147 5.96 -28.60 -2.76
C GLN A 147 6.36 -27.44 -3.69
N ALA A 148 7.65 -27.28 -3.95
CA ALA A 148 8.12 -26.18 -4.82
C ALA A 148 7.55 -26.36 -6.23
N ARG A 149 7.51 -27.58 -6.75
CA ARG A 149 7.05 -27.79 -8.15
C ARG A 149 5.54 -27.51 -8.26
N LEU A 150 4.78 -27.90 -7.25
CA LEU A 150 3.32 -27.70 -7.24
C LEU A 150 3.00 -26.20 -7.13
N LEU A 151 3.74 -25.45 -6.30
CA LEU A 151 3.60 -23.98 -6.20
C LEU A 151 3.92 -23.38 -7.55
N ARG A 152 4.98 -23.86 -8.17
CA ARG A 152 5.41 -23.36 -9.50
C ARG A 152 4.27 -23.59 -10.52
N VAL A 153 3.66 -24.78 -10.54
CA VAL A 153 2.46 -25.03 -11.40
C VAL A 153 1.35 -24.04 -11.05
N PHE A 154 1.12 -23.82 -9.76
CA PHE A 154 0.07 -22.90 -9.26
C PHE A 154 0.28 -21.49 -9.83
N TYR A 155 1.50 -20.97 -9.71
CA TYR A 155 1.85 -19.62 -10.22
C TYR A 155 1.68 -19.59 -11.74
N TYR A 156 2.13 -20.64 -12.46
CA TYR A 156 2.04 -20.65 -13.93
C TYR A 156 0.56 -20.75 -14.33
N ASN A 157 -0.21 -21.47 -13.51
CA ASN A 157 -1.64 -21.69 -13.81
C ASN A 157 -2.37 -20.34 -13.81
N MET A 158 -2.04 -19.47 -12.86
CA MET A 158 -2.58 -18.10 -12.77
C MET A 158 -2.20 -17.30 -14.03
N LEU A 159 -0.92 -17.30 -14.41
CA LEU A 159 -0.44 -16.61 -15.64
C LEU A 159 -1.21 -17.12 -16.85
N TRP A 160 -1.31 -18.43 -16.98
CA TRP A 160 -1.96 -19.10 -18.12
C TRP A 160 -3.42 -18.67 -18.18
N HIS A 161 -4.12 -18.63 -17.03
CA HIS A 161 -5.57 -18.29 -17.01
C HIS A 161 -5.79 -16.85 -17.50
N TYR A 162 -4.95 -15.91 -17.04
CA TYR A 162 -5.16 -14.45 -17.26
C TYR A 162 -4.53 -14.03 -18.59
N PHE A 163 -3.25 -14.33 -18.80
CA PHE A 163 -2.47 -13.83 -19.96
C PHE A 163 -2.31 -14.89 -21.07
N GLY A 164 -2.35 -16.18 -20.75
CA GLY A 164 -2.25 -17.25 -21.76
C GLY A 164 -0.85 -17.43 -22.35
N ASN A 165 -0.41 -16.50 -23.19
CA ASN A 165 0.81 -16.55 -24.03
C ASN A 165 1.95 -15.92 -23.24
N VAL A 166 2.67 -16.70 -22.46
CA VAL A 166 3.59 -16.14 -21.44
C VAL A 166 4.98 -16.77 -21.57
N PRO A 167 6.03 -16.03 -21.17
CA PRO A 167 7.36 -16.60 -20.95
C PRO A 167 7.29 -17.82 -20.03
N PHE A 168 7.93 -18.89 -20.47
CA PHE A 168 7.92 -20.20 -19.77
C PHE A 168 9.35 -20.63 -19.48
N TYR A 169 9.73 -20.72 -18.20
CA TYR A 169 11.06 -21.23 -17.78
C TYR A 169 10.94 -22.05 -16.49
N LEU A 170 11.69 -23.15 -16.42
CA LEU A 170 11.79 -24.00 -15.21
C LEU A 170 13.19 -23.89 -14.56
N GLU A 171 14.04 -22.96 -15.04
CA GLU A 171 15.40 -22.62 -14.52
C GLU A 171 15.51 -21.09 -14.54
N ASN A 172 16.04 -20.45 -13.50
CA ASN A 172 16.22 -18.97 -13.52
C ASN A 172 17.27 -18.61 -14.58
N LEU A 173 17.14 -17.44 -15.19
CA LEU A 173 17.94 -17.01 -16.37
C LEU A 173 19.06 -16.06 -15.91
N SER A 174 20.21 -16.64 -15.55
CA SER A 174 21.48 -15.92 -15.24
C SER A 174 22.35 -15.76 -16.50
N GLU A 175 21.80 -16.01 -17.70
CA GLU A 175 22.50 -15.95 -19.02
C GLU A 175 21.95 -14.77 -19.85
N TYR A 178 18.61 -12.69 -20.74
CA TYR A 178 18.14 -13.24 -19.44
C TYR A 178 16.60 -13.24 -19.39
N THR A 179 15.95 -13.60 -20.50
CA THR A 179 14.47 -13.74 -20.64
C THR A 179 14.14 -15.12 -21.23
N ALA A 180 12.92 -15.59 -21.05
CA ALA A 180 12.52 -16.94 -21.47
C ALA A 180 11.64 -16.83 -22.72
N PRO A 181 11.55 -17.89 -23.52
CA PRO A 181 10.74 -17.85 -24.74
C PRO A 181 9.27 -17.71 -24.32
N GLN A 182 8.52 -16.84 -25.01
CA GLN A 182 7.05 -16.74 -24.86
C GLN A 182 6.39 -17.94 -25.55
N TYR A 183 5.71 -18.78 -24.78
CA TYR A 183 4.88 -19.89 -25.31
C TYR A 183 3.48 -19.39 -25.63
N THR A 184 2.79 -20.09 -26.54
CA THR A 184 1.34 -19.93 -26.78
C THR A 184 0.60 -20.49 -25.54
N ALA A 185 -0.65 -20.07 -25.31
CA ALA A 185 -1.47 -20.61 -24.19
C ALA A 185 -1.47 -22.14 -24.23
N ASP A 186 -1.68 -22.75 -25.41
CA ASP A 186 -1.75 -24.21 -25.58
C ASP A 186 -0.41 -24.88 -25.26
N GLN A 187 0.72 -24.23 -25.57
CA GLN A 187 2.07 -24.74 -25.22
C GLN A 187 2.28 -24.69 -23.72
N VAL A 188 1.83 -23.63 -23.07
CA VAL A 188 1.95 -23.48 -21.60
C VAL A 188 1.17 -24.63 -20.97
N TYR A 189 -0.07 -24.84 -21.41
CA TYR A 189 -0.91 -25.99 -20.96
C TYR A 189 -0.13 -27.30 -21.06
N ALA A 190 0.40 -27.64 -22.23
CA ALA A 190 1.06 -28.95 -22.46
C ALA A 190 2.19 -29.13 -21.46
N GLU A 191 3.00 -28.09 -21.27
CA GLU A 191 4.10 -28.10 -20.30
C GLU A 191 3.59 -28.25 -18.86
N LEU A 192 2.68 -27.38 -18.47
CA LEU A 192 2.22 -27.32 -17.06
C LEU A 192 1.60 -28.65 -16.66
N ILE A 193 0.76 -29.21 -17.53
CA ILE A 193 -0.02 -30.44 -17.20
C ILE A 193 0.94 -31.63 -17.16
N ALA A 194 1.98 -31.64 -17.99
CA ALA A 194 3.08 -32.65 -17.93
C ALA A 194 3.82 -32.53 -16.60
N GLU A 195 4.16 -31.31 -16.19
CA GLU A 195 4.88 -31.05 -14.93
C GLU A 195 4.00 -31.53 -13.77
N LEU A 196 2.71 -31.23 -13.80
CA LEU A 196 1.79 -31.58 -12.68
C LEU A 196 1.63 -33.11 -12.63
N GLU A 197 1.52 -33.76 -13.77
CA GLU A 197 1.48 -35.24 -13.85
C GLU A 197 2.72 -35.85 -13.20
N ALA A 198 3.92 -35.34 -13.50
CA ALA A 198 5.16 -35.80 -12.82
C ALA A 198 5.07 -35.59 -11.31
N VAL A 199 4.58 -34.45 -10.86
CA VAL A 199 4.44 -34.20 -9.40
C VAL A 199 3.46 -35.22 -8.80
N ILE A 200 2.29 -35.39 -9.39
CA ILE A 200 1.23 -36.29 -8.87
C ILE A 200 1.73 -37.75 -8.88
N ASP A 201 2.32 -38.20 -10.00
CA ASP A 201 2.80 -39.61 -10.18
C ASP A 201 3.92 -39.93 -9.18
N SER A 202 4.68 -38.94 -8.68
CA SER A 202 5.71 -39.15 -7.62
C SER A 202 5.09 -39.80 -6.37
N LYS A 203 3.79 -39.58 -6.13
CA LYS A 203 3.06 -39.89 -4.86
C LYS A 203 3.88 -39.54 -3.62
N VAL A 204 4.53 -38.38 -3.63
CA VAL A 204 5.33 -37.85 -2.49
C VAL A 204 4.45 -37.05 -1.52
N LEU A 205 3.62 -36.14 -2.05
CA LEU A 205 2.88 -35.20 -1.18
C LEU A 205 1.88 -35.96 -0.35
N PRO A 206 1.64 -35.57 0.91
CA PRO A 206 0.56 -36.17 1.68
C PRO A 206 -0.81 -35.71 1.15
N LEU A 207 -1.85 -36.52 1.37
CA LEU A 207 -3.16 -36.29 0.73
C LEU A 207 -3.75 -35.01 1.33
N LYS A 208 -3.67 -34.90 2.66
CA LYS A 208 -4.35 -33.84 3.44
C LYS A 208 -3.46 -33.28 4.56
N TYR A 209 -2.74 -34.14 5.31
CA TYR A 209 -1.95 -33.72 6.50
C TYR A 209 -0.51 -34.14 6.34
N TYR A 210 0.41 -33.25 6.71
CA TYR A 210 1.84 -33.55 6.95
C TYR A 210 1.96 -34.20 8.33
N LYS A 211 2.85 -35.19 8.48
CA LYS A 211 3.06 -36.01 9.71
C LYS A 211 4.25 -35.45 10.47
N ASP A 220 -0.76 -36.45 12.51
CA ASP A 220 -1.37 -35.43 11.62
C ASP A 220 -1.09 -34.05 12.24
N ASP A 221 -0.43 -33.13 11.52
CA ASP A 221 0.07 -31.84 12.07
C ASP A 221 -0.76 -30.64 11.59
N GLU A 222 -1.64 -30.14 12.46
CA GLU A 222 -2.64 -29.07 12.16
C GLU A 222 -1.91 -27.75 11.84
N GLY A 223 -0.69 -27.58 12.35
CA GLY A 223 0.07 -26.32 12.27
C GLY A 223 0.90 -26.22 11.01
N GLN A 224 0.77 -27.19 10.10
CA GLN A 224 1.31 -27.08 8.72
C GLN A 224 0.18 -26.92 7.70
N LEU A 225 -1.06 -26.66 8.16
CA LEU A 225 -2.20 -26.45 7.23
C LEU A 225 -1.90 -25.20 6.41
N GLY A 226 -2.05 -25.24 5.09
CA GLY A 226 -1.62 -24.18 4.16
C GLY A 226 -0.57 -24.69 3.19
N ARG A 227 0.21 -25.69 3.59
CA ARG A 227 1.12 -26.37 2.64
C ARG A 227 0.27 -26.93 1.50
N VAL A 228 0.89 -27.09 0.34
CA VAL A 228 0.21 -27.76 -0.78
C VAL A 228 0.26 -29.26 -0.52
N THR A 229 -0.74 -29.96 -1.04
CA THR A 229 -1.03 -31.36 -0.75
C THR A 229 -1.36 -32.08 -2.07
N GLN A 230 -1.41 -33.40 -2.02
CA GLN A 230 -1.79 -34.21 -3.18
C GLN A 230 -3.24 -33.85 -3.53
N ALA A 231 -4.11 -33.67 -2.53
CA ALA A 231 -5.53 -33.30 -2.79
C ALA A 231 -5.56 -31.96 -3.52
N MET A 232 -4.73 -31.01 -3.11
CA MET A 232 -4.71 -29.68 -3.77
C MET A 232 -4.26 -29.87 -5.22
N ALA A 233 -3.28 -30.76 -5.44
CA ALA A 233 -2.72 -31.12 -6.76
C ALA A 233 -3.82 -31.66 -7.68
N TYR A 234 -4.61 -32.60 -7.15
CA TYR A 234 -5.78 -33.17 -7.87
C TYR A 234 -6.74 -32.05 -8.34
N MET A 235 -6.99 -31.05 -7.50
CA MET A 235 -7.94 -29.95 -7.79
C MET A 235 -7.33 -29.03 -8.86
N VAL A 236 -6.03 -28.79 -8.82
CA VAL A 236 -5.35 -27.98 -9.87
C VAL A 236 -5.45 -28.77 -11.19
N TYR A 237 -5.21 -30.07 -11.11
CA TYR A 237 -5.21 -30.96 -12.30
C TYR A 237 -6.59 -30.85 -12.96
N ALA A 238 -7.66 -31.05 -12.20
CA ALA A 238 -9.05 -31.00 -12.68
C ALA A 238 -9.31 -29.62 -13.26
N GLU A 239 -8.94 -28.58 -12.52
CA GLU A 239 -9.14 -27.18 -12.96
C GLU A 239 -8.51 -26.96 -14.31
N MET A 240 -7.24 -27.37 -14.48
CA MET A 240 -6.53 -27.09 -15.73
C MET A 240 -7.12 -27.90 -16.88
N VAL A 241 -7.34 -29.21 -16.65
CA VAL A 241 -7.91 -30.08 -17.71
C VAL A 241 -9.27 -29.47 -18.14
N MET A 242 -10.09 -29.06 -17.18
CA MET A 242 -11.44 -28.54 -17.57
C MET A 242 -11.28 -27.20 -18.32
N TYR A 243 -10.36 -26.35 -17.90
CA TYR A 243 -10.24 -25.00 -18.49
C TYR A 243 -9.74 -25.17 -19.92
N GLN A 244 -8.91 -26.18 -20.17
CA GLN A 244 -8.36 -26.45 -21.52
C GLN A 244 -9.41 -27.14 -22.40
N ASN A 245 -10.42 -27.77 -21.80
CA ASN A 245 -11.39 -28.68 -22.48
C ASN A 245 -10.58 -29.87 -23.01
N ASP A 246 -9.58 -30.34 -22.25
CA ASP A 246 -8.68 -31.42 -22.70
C ASP A 246 -9.39 -32.77 -22.48
N GLU A 247 -10.21 -33.20 -23.43
CA GLU A 247 -10.99 -34.46 -23.31
C GLU A 247 -10.08 -35.66 -23.04
N SER A 248 -8.88 -35.68 -23.59
CA SER A 248 -7.91 -36.79 -23.40
C SER A 248 -7.65 -37.02 -21.92
N ARG A 249 -7.87 -36.01 -21.07
CA ARG A 249 -7.53 -36.17 -19.63
C ARG A 249 -8.76 -36.16 -18.71
N PHE A 250 -9.99 -36.16 -19.23
CA PHE A 250 -11.22 -36.09 -18.41
C PHE A 250 -11.31 -37.31 -17.48
N SER A 251 -11.12 -38.51 -18.01
CA SER A 251 -11.18 -39.76 -17.21
C SER A 251 -10.15 -39.76 -16.08
N LYS A 252 -8.92 -39.35 -16.35
CA LYS A 252 -7.90 -39.29 -15.29
C LYS A 252 -8.33 -38.25 -14.24
N ALA A 253 -8.78 -37.06 -14.65
CA ALA A 253 -9.20 -36.03 -13.69
C ALA A 253 -10.34 -36.59 -12.82
N LEU A 254 -11.29 -37.27 -13.46
CA LEU A 254 -12.43 -37.91 -12.75
C LEU A 254 -11.91 -38.88 -11.71
N GLY A 255 -10.96 -39.74 -12.09
CA GLY A 255 -10.30 -40.68 -11.17
C GLY A 255 -9.77 -39.96 -9.95
N TYR A 256 -9.12 -38.81 -10.12
CA TYR A 256 -8.53 -38.07 -8.97
C TYR A 256 -9.65 -37.52 -8.09
N MET A 257 -10.71 -36.98 -8.69
CA MET A 257 -11.89 -36.49 -7.93
C MET A 257 -12.50 -37.66 -7.14
N LYS A 258 -12.68 -38.84 -7.75
CA LYS A 258 -13.25 -40.03 -7.06
C LYS A 258 -12.34 -40.53 -5.94
N GLU A 259 -11.02 -40.37 -6.02
CA GLU A 259 -10.15 -40.68 -4.86
C GLU A 259 -10.54 -39.79 -3.69
N LEU A 260 -10.82 -38.50 -3.91
CA LEU A 260 -11.15 -37.59 -2.79
C LEU A 260 -12.54 -37.95 -2.26
N ILE A 261 -13.49 -38.23 -3.16
CA ILE A 261 -14.87 -38.66 -2.80
C ILE A 261 -14.81 -40.01 -2.06
N ASP A 262 -13.87 -40.90 -2.39
CA ASP A 262 -13.74 -42.23 -1.74
C ASP A 262 -12.97 -42.13 -0.42
N SER A 263 -12.35 -40.99 -0.15
CA SER A 263 -11.51 -40.79 1.04
C SER A 263 -12.35 -40.58 2.30
N PRO A 264 -11.90 -41.06 3.48
CA PRO A 264 -12.59 -40.79 4.73
C PRO A 264 -12.34 -39.39 5.31
N SER A 265 -11.45 -38.59 4.73
CA SER A 265 -10.91 -37.35 5.35
C SER A 265 -11.62 -36.07 4.89
N PHE A 266 -12.52 -36.14 3.91
CA PHE A 266 -13.18 -34.92 3.35
C PHE A 266 -14.69 -35.08 3.45
N ARG A 267 -15.39 -33.99 3.75
CA ARG A 267 -16.87 -33.99 3.68
C ARG A 267 -17.34 -32.55 3.47
N LEU A 268 -18.59 -32.38 3.06
CA LEU A 268 -19.25 -31.06 3.06
C LEU A 268 -19.46 -30.60 4.49
N ASN A 269 -19.14 -29.36 4.80
CA ASN A 269 -19.57 -28.76 6.09
C ASN A 269 -21.09 -28.85 6.16
N PRO A 270 -21.67 -29.43 7.25
CA PRO A 270 -23.12 -29.52 7.38
C PRO A 270 -23.79 -28.16 7.23
N SER A 271 -23.12 -27.08 7.66
CA SER A 271 -23.61 -25.67 7.54
C SER A 271 -22.75 -24.94 6.49
N PHE A 272 -23.32 -24.53 5.37
CA PHE A 272 -22.61 -23.69 4.37
C PHE A 272 -22.14 -22.40 5.04
N ALA A 273 -23.01 -21.79 5.84
CA ALA A 273 -22.70 -20.55 6.59
C ALA A 273 -21.42 -20.72 7.42
N ASN A 274 -21.24 -21.85 8.10
CA ASN A 274 -20.12 -22.10 9.05
C ASN A 274 -18.78 -22.17 8.31
N ILE A 275 -18.77 -22.50 7.02
CA ILE A 275 -17.52 -22.50 6.22
C ILE A 275 -16.78 -21.17 6.43
N TRP A 276 -17.51 -20.06 6.37
CA TRP A 276 -16.96 -18.68 6.19
C TRP A 276 -16.57 -18.05 7.53
N GLU A 277 -16.99 -18.65 8.64
CA GLU A 277 -16.67 -18.22 10.02
C GLU A 277 -15.21 -18.60 10.28
N THR A 278 -14.56 -17.92 11.22
CA THR A 278 -13.17 -18.23 11.62
C THR A 278 -13.08 -19.69 12.06
N GLU A 279 -14.09 -20.20 12.77
CA GLU A 279 -14.13 -21.62 13.22
C GLU A 279 -14.24 -22.59 12.03
N GLY A 280 -14.68 -22.13 10.85
CA GLY A 280 -14.81 -22.95 9.62
C GLY A 280 -13.52 -23.06 8.84
N GLU A 281 -12.50 -22.28 9.21
CA GLU A 281 -11.18 -22.34 8.56
C GLU A 281 -10.64 -23.75 8.73
N TRP A 282 -10.21 -24.37 7.65
CA TRP A 282 -9.63 -25.74 7.67
C TRP A 282 -10.65 -26.74 8.28
N CYS A 283 -11.94 -26.55 8.03
CA CYS A 283 -12.95 -27.62 8.27
C CYS A 283 -12.68 -28.74 7.25
N ASP A 284 -13.40 -29.86 7.36
CA ASP A 284 -13.08 -31.06 6.56
C ASP A 284 -13.57 -30.89 5.11
N GLU A 285 -14.23 -29.80 4.79
CA GLU A 285 -14.54 -29.41 3.39
C GLU A 285 -13.30 -28.80 2.71
N SER A 286 -12.38 -28.27 3.49
CA SER A 286 -11.30 -27.41 2.99
C SER A 286 -10.20 -28.26 2.37
N ILE A 287 -9.92 -28.10 1.07
CA ILE A 287 -8.79 -28.84 0.43
C ILE A 287 -7.57 -27.91 0.44
N TRP A 288 -7.80 -26.62 0.16
CA TRP A 288 -6.69 -25.65 0.23
C TRP A 288 -7.22 -24.23 0.48
N GLU A 289 -6.57 -23.57 1.44
CA GLU A 289 -6.83 -22.17 1.81
C GLU A 289 -5.49 -21.43 1.79
N ILE A 290 -5.56 -20.13 1.58
CA ILE A 290 -4.42 -19.20 1.78
C ILE A 290 -4.63 -18.52 3.13
N ASN A 291 -3.67 -18.69 4.03
CA ASN A 291 -3.77 -18.29 5.47
C ASN A 291 -3.43 -16.82 5.59
N TYR A 292 -4.20 -16.13 6.43
CA TYR A 292 -4.07 -14.69 6.80
C TYR A 292 -4.21 -14.46 8.32
N GLY A 309 -2.49 -9.90 7.72
CA GLY A 309 -3.85 -10.31 7.30
C GLY A 309 -4.16 -9.87 5.89
N THR A 310 -5.43 -9.84 5.51
CA THR A 310 -5.86 -9.53 4.11
C THR A 310 -6.66 -8.24 4.15
N VAL A 311 -6.55 -7.45 3.08
CA VAL A 311 -7.29 -6.16 2.93
C VAL A 311 -8.67 -6.43 2.33
N LEU A 312 -8.93 -7.68 1.94
CA LEU A 312 -10.10 -7.96 1.06
C LEU A 312 -11.36 -7.41 1.72
N PRO A 313 -11.63 -7.64 3.01
CA PRO A 313 -12.87 -7.14 3.63
C PRO A 313 -12.98 -5.61 3.60
N THR A 314 -11.84 -4.90 3.57
CA THR A 314 -11.84 -3.43 3.40
C THR A 314 -12.29 -3.10 1.98
N LEU A 315 -11.79 -3.82 0.99
CA LEU A 315 -12.06 -3.51 -0.44
C LEU A 315 -13.56 -3.58 -0.72
N ILE A 316 -14.24 -4.61 -0.21
CA ILE A 316 -15.57 -5.07 -0.72
C ILE A 316 -16.71 -4.81 0.27
N SER A 317 -16.52 -3.80 1.12
CA SER A 317 -17.51 -3.35 2.14
C SER A 317 -17.96 -1.92 1.84
N PRO A 318 -19.14 -1.53 2.34
CA PRO A 318 -19.63 -0.17 2.15
C PRO A 318 -18.77 0.88 2.88
N ASN A 319 -18.75 2.06 2.29
CA ASN A 319 -18.01 3.26 2.73
C ASN A 319 -18.79 4.05 3.78
N SER A 320 -18.10 4.59 4.78
CA SER A 320 -18.67 5.46 5.85
C SER A 320 -19.87 4.75 6.46
N PHE A 321 -19.73 3.45 6.71
CA PHE A 321 -20.83 2.60 7.23
C PHE A 321 -21.18 3.07 8.64
N PRO A 322 -22.45 3.34 9.00
CA PRO A 322 -22.77 3.79 10.36
C PRO A 322 -22.53 2.74 11.45
N GLY A 323 -22.30 1.48 11.07
CA GLY A 323 -21.98 0.41 12.02
C GLY A 323 -23.16 -0.53 12.16
N ASP A 324 -22.88 -1.81 12.45
CA ASP A 324 -23.90 -2.84 12.81
C ASP A 324 -23.32 -3.61 14.00
N ASP A 325 -23.92 -4.72 14.44
CA ASP A 325 -23.51 -5.40 15.69
C ASP A 325 -22.05 -5.87 15.58
N GLY A 326 -21.64 -6.36 14.41
CA GLY A 326 -20.34 -7.03 14.21
C GLY A 326 -19.24 -6.11 13.68
N TRP A 327 -19.60 -4.94 13.15
CA TRP A 327 -18.61 -4.01 12.56
C TRP A 327 -18.92 -2.57 12.96
N SER A 328 -17.96 -1.93 13.65
CA SER A 328 -18.11 -0.58 14.25
C SER A 328 -18.09 0.53 13.19
N LYS A 329 -18.78 1.63 13.49
CA LYS A 329 -18.63 2.92 12.79
C LYS A 329 -17.13 3.29 12.79
N GLY A 330 -16.66 4.02 11.77
CA GLY A 330 -15.31 4.58 11.67
C GLY A 330 -14.29 3.61 11.09
N ASN A 331 -14.75 2.49 10.55
CA ASN A 331 -13.88 1.50 9.85
C ASN A 331 -13.95 1.74 8.33
N ASP A 332 -12.87 1.49 7.61
CA ASP A 332 -12.78 1.80 6.17
C ASP A 332 -13.54 0.73 5.37
N GLY A 333 -14.31 1.17 4.41
CA GLY A 333 -14.93 0.31 3.38
C GLY A 333 -14.84 1.03 2.06
N TRP A 334 -14.27 0.40 1.03
CA TRP A 334 -13.96 1.10 -0.23
C TRP A 334 -15.03 0.86 -1.30
N GLY A 335 -16.03 0.03 -1.02
CA GLY A 335 -17.21 -0.06 -1.89
C GLY A 335 -16.91 -0.72 -3.23
N PHE A 336 -15.86 -1.53 -3.33
CA PHE A 336 -15.66 -2.41 -4.51
C PHE A 336 -16.53 -3.67 -4.40
N MET A 337 -16.81 -4.29 -5.56
CA MET A 337 -17.61 -5.54 -5.66
C MET A 337 -18.98 -5.39 -5.00
N PRO A 338 -19.77 -4.33 -5.30
CA PRO A 338 -21.19 -4.38 -5.04
C PRO A 338 -21.72 -5.65 -5.71
N MET A 339 -22.51 -6.41 -4.95
CA MET A 339 -23.18 -7.60 -5.50
C MET A 339 -24.39 -7.18 -6.36
N ARG A 340 -24.51 -7.75 -7.55
CA ARG A 340 -25.67 -7.43 -8.45
C ARG A 340 -26.94 -7.96 -7.83
N LEU A 341 -28.04 -7.23 -8.03
CA LEU A 341 -29.39 -7.66 -7.56
C LEU A 341 -29.74 -9.00 -8.21
N GLU A 342 -29.39 -9.18 -9.46
CA GLU A 342 -29.63 -10.43 -10.23
C GLU A 342 -28.95 -11.59 -9.49
N THR A 343 -27.79 -11.38 -8.88
CA THR A 343 -27.10 -12.44 -8.12
C THR A 343 -27.89 -12.81 -6.85
N TYR A 344 -28.42 -11.82 -6.15
CA TYR A 344 -29.29 -12.10 -4.98
C TYR A 344 -30.51 -12.87 -5.50
N GLN A 345 -31.15 -12.38 -6.57
CA GLN A 345 -32.47 -12.92 -7.03
C GLN A 345 -32.36 -14.32 -7.66
N MET A 346 -31.18 -14.83 -8.02
CA MET A 346 -31.08 -16.17 -8.67
C MET A 346 -31.30 -17.26 -7.61
N PHE A 347 -31.14 -16.97 -6.32
CA PHE A 347 -31.33 -17.99 -5.27
C PHE A 347 -32.81 -18.18 -4.97
N SER A 348 -33.25 -19.42 -4.75
CA SER A 348 -34.59 -19.64 -4.15
C SER A 348 -34.56 -19.22 -2.67
N GLU A 349 -35.73 -18.85 -2.13
CA GLU A 349 -35.93 -18.51 -0.68
C GLU A 349 -35.42 -19.65 0.21
N GLN A 350 -35.58 -20.91 -0.22
CA GLN A 350 -35.14 -22.12 0.54
C GLN A 350 -33.61 -22.32 0.46
N ASP A 351 -32.91 -21.67 -0.46
CA ASP A 351 -31.43 -21.88 -0.64
C ASP A 351 -30.68 -21.27 0.54
N LYS A 352 -30.06 -22.10 1.37
CA LYS A 352 -29.31 -21.64 2.55
C LYS A 352 -28.09 -20.82 2.11
N ARG A 353 -27.66 -20.92 0.85
CA ARG A 353 -26.45 -20.19 0.39
C ARG A 353 -26.78 -18.71 0.24
N ARG A 354 -28.04 -18.35 0.01
CA ARG A 354 -28.39 -16.92 -0.24
C ARG A 354 -27.97 -16.04 0.93
N ASP A 355 -28.37 -16.34 2.17
CA ASP A 355 -28.03 -15.45 3.30
C ASP A 355 -26.53 -15.55 3.62
N ALA A 356 -25.85 -16.68 3.35
CA ALA A 356 -24.38 -16.79 3.60
C ALA A 356 -23.59 -16.09 2.49
N THR A 357 -24.23 -15.75 1.38
CA THR A 357 -23.54 -15.20 0.18
C THR A 357 -23.74 -13.69 0.15
N CYS A 358 -24.96 -13.25 0.45
CA CYS A 358 -25.47 -11.90 0.18
C CYS A 358 -25.65 -11.17 1.50
N TRP A 359 -24.84 -10.15 1.75
CA TRP A 359 -25.04 -9.21 2.89
C TRP A 359 -25.93 -8.08 2.42
N VAL A 360 -27.21 -8.10 2.79
CA VAL A 360 -28.21 -7.12 2.32
C VAL A 360 -28.30 -6.04 3.39
N ILE A 361 -28.06 -4.79 3.02
CA ILE A 361 -28.21 -3.64 3.94
C ILE A 361 -29.58 -2.99 3.69
N ALA A 362 -30.42 -2.89 4.70
CA ALA A 362 -31.77 -2.25 4.63
C ALA A 362 -31.64 -0.85 3.98
N GLU A 363 -32.60 -0.47 3.13
CA GLU A 363 -32.60 0.82 2.37
C GLU A 363 -32.55 2.00 3.35
N ASP A 364 -33.04 1.80 4.58
CA ASP A 364 -33.16 2.84 5.63
C ASP A 364 -31.78 3.10 6.23
N VAL A 365 -30.79 2.21 6.06
CA VAL A 365 -29.42 2.39 6.64
C VAL A 365 -28.62 3.27 5.66
N GLU A 366 -28.12 4.40 6.17
CA GLU A 366 -27.50 5.45 5.34
C GLU A 366 -25.99 5.28 5.48
N TYR A 367 -25.32 4.91 4.40
CA TYR A 367 -23.85 4.94 4.32
C TYR A 367 -23.53 5.84 3.15
N THR A 368 -22.27 6.10 2.86
CA THR A 368 -21.92 6.88 1.65
C THR A 368 -21.92 5.91 0.47
N LYS A 369 -22.97 5.97 -0.34
CA LYS A 369 -23.11 5.18 -1.58
C LYS A 369 -21.99 5.55 -2.54
N ARG A 370 -21.30 4.52 -3.02
CA ARG A 370 -20.24 4.65 -4.02
C ARG A 370 -20.80 4.18 -5.37
N TYR A 371 -19.97 4.20 -6.39
CA TYR A 371 -20.36 3.90 -7.78
C TYR A 371 -20.96 2.49 -7.84
N GLN A 372 -22.12 2.37 -8.48
CA GLN A 372 -22.81 1.08 -8.78
C GLN A 372 -23.32 0.42 -7.48
N ASP A 373 -23.54 1.21 -6.41
CA ASP A 373 -24.09 0.72 -5.14
C ASP A 373 -25.42 -0.05 -5.38
N THR A 374 -25.63 -1.14 -4.67
CA THR A 374 -26.88 -1.96 -4.73
C THR A 374 -27.44 -2.17 -3.32
N HIS A 375 -26.68 -1.77 -2.29
CA HIS A 375 -26.96 -2.10 -0.86
C HIS A 375 -26.84 -3.62 -0.66
N ILE A 376 -26.18 -4.33 -1.59
CA ILE A 376 -25.85 -5.77 -1.40
C ILE A 376 -24.34 -5.92 -1.57
N TRP A 377 -23.75 -6.74 -0.71
CA TRP A 377 -22.30 -6.99 -0.63
C TRP A 377 -22.08 -8.48 -0.43
N LEU A 378 -20.84 -8.92 -0.58
CA LEU A 378 -20.46 -10.35 -0.38
C LEU A 378 -20.35 -10.61 1.14
N GLN A 379 -21.20 -11.48 1.66
CA GLN A 379 -21.19 -11.89 3.08
C GLN A 379 -19.97 -12.77 3.39
N LYS A 380 -19.49 -13.57 2.43
CA LYS A 380 -18.51 -14.65 2.71
C LYS A 380 -17.23 -14.05 3.32
N TYR A 381 -16.85 -12.84 2.87
CA TYR A 381 -15.60 -12.17 3.29
C TYR A 381 -15.90 -10.76 3.81
N ARG A 382 -17.07 -10.56 4.42
CA ARG A 382 -17.44 -9.23 4.95
C ARG A 382 -16.57 -8.93 6.18
N PRO A 383 -16.32 -7.63 6.45
CA PRO A 383 -15.53 -7.24 7.61
C PRO A 383 -16.36 -7.40 8.88
N TYR A 384 -15.69 -7.87 9.93
CA TYR A 384 -16.14 -7.94 11.34
C TYR A 384 -15.04 -7.43 12.28
N ASP A 385 -15.38 -6.66 13.33
CA ASP A 385 -14.37 -6.18 14.33
C ASP A 385 -13.58 -7.37 14.88
N LYS A 386 -14.25 -8.45 15.26
CA LYS A 386 -13.58 -9.63 15.86
C LYS A 386 -12.48 -10.19 14.93
N ASN A 387 -12.45 -9.84 13.63
CA ASN A 387 -11.51 -10.43 12.63
C ASN A 387 -10.34 -9.47 12.31
N PHE A 388 -10.22 -8.31 12.95
CA PHE A 388 -9.11 -7.34 12.72
C PHE A 388 -7.74 -7.90 13.12
N LYS A 389 -6.71 -7.75 12.27
CA LYS A 389 -5.30 -8.18 12.54
C LYS A 389 -4.53 -7.05 13.24
N GLN A 395 -4.98 3.42 9.95
CA GLN A 395 -6.33 2.78 10.08
C GLN A 395 -6.17 1.25 10.04
N ASN A 396 -7.15 0.52 10.58
CA ASN A 396 -7.15 -0.96 10.58
C ASN A 396 -7.79 -1.46 9.27
N LEU A 397 -6.96 -1.77 8.27
CA LEU A 397 -7.37 -2.23 6.91
C LEU A 397 -7.33 -3.76 6.82
N ASN A 398 -6.68 -4.46 7.76
CA ASN A 398 -6.42 -5.91 7.58
C ASN A 398 -7.23 -6.78 8.55
N TYR A 399 -7.65 -7.94 8.05
CA TYR A 399 -8.57 -8.89 8.70
C TYR A 399 -7.93 -10.27 8.63
N ASN A 400 -8.44 -11.25 9.37
CA ASN A 400 -7.78 -12.57 9.49
C ASN A 400 -8.41 -13.60 8.53
N ASN A 401 -9.36 -13.21 7.69
CA ASN A 401 -10.09 -14.19 6.86
C ASN A 401 -9.12 -14.94 5.94
N ASN A 402 -8.97 -16.25 6.12
CA ASN A 402 -8.33 -17.14 5.12
C ASN A 402 -9.11 -17.09 3.81
N TYR A 403 -8.40 -17.21 2.69
CA TYR A 403 -9.03 -17.27 1.36
C TYR A 403 -9.25 -18.75 1.05
N ARG A 404 -10.52 -19.15 0.94
CA ARG A 404 -10.89 -20.56 0.68
C ARG A 404 -10.68 -20.77 -0.82
N TYR A 405 -9.69 -21.56 -1.22
CA TYR A 405 -9.28 -21.67 -2.64
C TYR A 405 -9.94 -22.86 -3.29
N TYR A 406 -9.85 -24.04 -2.65
CA TYR A 406 -10.44 -25.31 -3.11
C TYR A 406 -11.28 -25.88 -1.97
N ARG A 407 -12.57 -26.13 -2.22
CA ARG A 407 -13.49 -26.80 -1.28
C ARG A 407 -13.95 -28.14 -1.88
N TYR A 408 -14.29 -29.08 -1.03
CA TYR A 408 -14.82 -30.39 -1.46
C TYR A 408 -16.14 -30.24 -2.22
N ALA A 409 -16.91 -29.15 -2.09
CA ALA A 409 -18.09 -28.89 -2.95
C ALA A 409 -17.64 -28.89 -4.42
N GLU A 410 -16.47 -28.31 -4.69
CA GLU A 410 -15.91 -28.24 -6.06
C GLU A 410 -15.42 -29.63 -6.52
N THR A 411 -14.88 -30.45 -5.63
CA THR A 411 -14.57 -31.87 -5.93
C THR A 411 -15.84 -32.57 -6.47
N LEU A 412 -16.97 -32.42 -5.77
CA LEU A 412 -18.22 -33.14 -6.14
C LEU A 412 -18.70 -32.62 -7.49
N LEU A 413 -18.71 -31.29 -7.69
CA LEU A 413 -19.22 -30.68 -8.93
C LEU A 413 -18.26 -30.94 -10.10
N ASN A 414 -16.95 -30.97 -9.83
CA ASN A 414 -15.95 -31.37 -10.83
C ASN A 414 -16.27 -32.80 -11.28
N ALA A 415 -16.40 -33.71 -10.33
CA ALA A 415 -16.66 -35.14 -10.60
C ALA A 415 -17.98 -35.30 -11.38
N ALA A 416 -19.05 -34.61 -10.97
CA ALA A 416 -20.35 -34.77 -11.65
C ALA A 416 -20.19 -34.35 -13.11
N GLU A 417 -19.51 -33.25 -13.37
CA GLU A 417 -19.37 -32.77 -14.75
C GLU A 417 -18.50 -33.76 -15.53
N LEU A 418 -17.38 -34.21 -14.96
CA LEU A 418 -16.41 -35.03 -15.69
C LEU A 418 -17.08 -36.39 -16.01
N SER A 419 -17.90 -36.91 -15.10
CA SER A 419 -18.65 -38.16 -15.31
C SER A 419 -19.57 -37.93 -16.52
N LEU A 420 -20.39 -36.88 -16.48
CA LEU A 420 -21.32 -36.64 -17.60
C LEU A 420 -20.55 -36.46 -18.90
N ARG A 421 -19.36 -35.87 -18.89
CA ARG A 421 -18.70 -35.59 -20.20
C ARG A 421 -17.85 -36.79 -20.65
N THR A 422 -17.85 -37.91 -19.93
CA THR A 422 -17.15 -39.14 -20.36
C THR A 422 -18.18 -40.27 -20.52
N GLY A 423 -19.44 -39.92 -20.75
CA GLY A 423 -20.54 -40.86 -21.04
C GLY A 423 -21.28 -41.32 -19.79
N GLY A 424 -21.08 -40.71 -18.62
CA GLY A 424 -21.71 -41.17 -17.36
C GLY A 424 -23.20 -40.95 -17.34
N SER A 425 -23.89 -41.70 -16.50
CA SER A 425 -25.36 -41.64 -16.39
C SER A 425 -25.79 -40.36 -15.63
N GLY A 426 -26.84 -39.72 -16.14
CA GLY A 426 -27.50 -38.63 -15.44
C GLY A 426 -28.16 -39.08 -14.14
N THR A 427 -28.37 -40.39 -13.91
CA THR A 427 -28.98 -40.87 -12.65
C THR A 427 -27.92 -41.65 -11.88
N GLY A 428 -26.68 -41.63 -12.32
CA GLY A 428 -25.60 -42.39 -11.66
C GLY A 428 -24.85 -41.56 -10.62
N GLU A 429 -23.53 -41.76 -10.56
CA GLU A 429 -22.65 -41.07 -9.58
C GLU A 429 -22.80 -39.55 -9.73
N ALA A 430 -22.96 -39.04 -10.94
CA ALA A 430 -23.08 -37.57 -11.15
C ALA A 430 -24.26 -37.01 -10.34
N LYS A 431 -25.39 -37.73 -10.31
CA LYS A 431 -26.60 -37.30 -9.56
C LYS A 431 -26.32 -37.39 -8.06
N THR A 432 -25.74 -38.48 -7.57
CA THR A 432 -25.38 -38.60 -6.14
C THR A 432 -24.57 -37.38 -5.67
N TRP A 433 -23.50 -37.07 -6.40
CA TRP A 433 -22.54 -35.98 -6.06
C TRP A 433 -23.20 -34.60 -6.12
N LEU A 434 -23.84 -34.26 -7.24
CA LEU A 434 -24.51 -32.93 -7.35
C LEU A 434 -25.57 -32.81 -6.25
N ASN A 435 -26.31 -33.88 -5.95
CA ASN A 435 -27.44 -33.80 -4.98
C ASN A 435 -26.90 -33.62 -3.55
N GLU A 436 -25.71 -34.13 -3.24
CA GLU A 436 -25.03 -33.93 -1.91
C GLU A 436 -24.82 -32.41 -1.69
N VAL A 437 -24.38 -31.70 -2.72
CA VAL A 437 -24.22 -30.22 -2.72
C VAL A 437 -25.61 -29.56 -2.60
N ARG A 438 -26.59 -29.94 -3.40
CA ARG A 438 -27.95 -29.32 -3.35
C ARG A 438 -28.56 -29.55 -1.96
N THR A 439 -28.46 -30.77 -1.43
CA THR A 439 -29.05 -31.13 -0.11
C THR A 439 -28.40 -30.28 0.99
N ARG A 440 -27.07 -30.08 0.96
CA ARG A 440 -26.37 -29.28 2.00
C ARG A 440 -26.95 -27.86 1.96
N ALA A 441 -27.30 -27.39 0.77
CA ALA A 441 -27.87 -26.02 0.60
C ALA A 441 -29.37 -25.95 0.94
N GLY A 442 -30.01 -27.06 1.31
CA GLY A 442 -31.43 -27.09 1.72
C GLY A 442 -32.40 -27.28 0.55
N LEU A 443 -31.87 -27.62 -0.64
CA LEU A 443 -32.65 -27.77 -1.88
C LEU A 443 -32.99 -29.24 -2.03
N ALA A 444 -34.04 -29.50 -2.80
CA ALA A 444 -34.43 -30.84 -3.31
C ALA A 444 -33.36 -31.32 -4.29
N GLY A 445 -33.06 -32.62 -4.23
CA GLY A 445 -32.17 -33.27 -5.23
C GLY A 445 -32.80 -33.21 -6.62
N LEU A 446 -31.98 -33.27 -7.67
CA LEU A 446 -32.48 -33.42 -9.07
C LEU A 446 -32.65 -34.93 -9.32
N ALA A 447 -33.73 -35.34 -10.02
CA ALA A 447 -33.97 -36.76 -10.36
C ALA A 447 -33.06 -37.23 -11.51
N ASN A 448 -32.59 -36.31 -12.32
CA ASN A 448 -31.66 -36.59 -13.44
C ASN A 448 -30.76 -35.37 -13.57
N VAL A 449 -29.47 -35.54 -13.83
CA VAL A 449 -28.51 -34.40 -13.85
C VAL A 449 -27.89 -34.32 -15.24
N THR A 450 -27.83 -33.10 -15.77
CA THR A 450 -27.19 -32.78 -17.04
C THR A 450 -25.96 -31.88 -16.78
N VAL A 451 -25.08 -31.75 -17.76
CA VAL A 451 -23.87 -30.90 -17.58
C VAL A 451 -24.31 -29.45 -17.30
N ASP A 452 -25.39 -28.97 -17.91
CA ASP A 452 -25.90 -27.59 -17.65
C ASP A 452 -26.33 -27.43 -16.19
N ASP A 453 -26.96 -28.44 -15.61
CA ASP A 453 -27.32 -28.41 -14.16
C ASP A 453 -26.05 -28.21 -13.32
N VAL A 454 -24.96 -28.92 -13.64
CA VAL A 454 -23.69 -28.79 -12.87
C VAL A 454 -23.18 -27.35 -13.01
N LEU A 455 -23.13 -26.79 -14.22
CA LEU A 455 -22.66 -25.40 -14.39
C LEU A 455 -23.56 -24.44 -13.58
N THR A 456 -24.87 -24.66 -13.57
CA THR A 456 -25.76 -23.79 -12.77
C THR A 456 -25.43 -23.92 -11.29
N GLU A 457 -25.22 -25.14 -10.81
CA GLU A 457 -24.91 -25.40 -9.39
C GLU A 457 -23.58 -24.72 -9.00
N ARG A 458 -22.59 -24.72 -9.88
CA ARG A 458 -21.32 -24.02 -9.66
C ARG A 458 -21.59 -22.53 -9.45
N ARG A 459 -22.51 -21.93 -10.20
CA ARG A 459 -22.78 -20.48 -10.08
C ARG A 459 -23.36 -20.21 -8.68
N LEU A 460 -24.29 -21.04 -8.24
CA LEU A 460 -24.95 -20.86 -6.92
C LEU A 460 -23.92 -21.08 -5.79
N GLU A 461 -23.00 -22.01 -5.97
CA GLU A 461 -22.15 -22.53 -4.88
C GLU A 461 -20.98 -21.57 -4.61
N PHE A 462 -20.48 -20.87 -5.63
CA PHE A 462 -19.14 -20.25 -5.60
C PHE A 462 -19.18 -18.73 -5.78
N VAL A 463 -20.30 -18.08 -5.51
CA VAL A 463 -20.39 -16.60 -5.64
C VAL A 463 -19.28 -15.98 -4.79
N GLY A 464 -18.44 -15.15 -5.40
CA GLY A 464 -17.41 -14.37 -4.69
C GLY A 464 -16.15 -15.18 -4.46
N GLU A 465 -16.04 -16.36 -5.08
CA GLU A 465 -14.87 -17.27 -4.91
C GLU A 465 -14.04 -17.36 -6.18
N GLY A 466 -14.33 -16.52 -7.18
CA GLY A 466 -13.48 -16.39 -8.40
C GLY A 466 -13.59 -17.57 -9.36
N LYS A 467 -14.76 -18.25 -9.42
CA LYS A 467 -14.98 -19.44 -10.30
C LYS A 467 -15.78 -19.05 -11.54
N ARG A 468 -16.74 -18.16 -11.40
CA ARG A 468 -17.82 -17.97 -12.38
C ARG A 468 -17.23 -17.54 -13.72
N TYR A 469 -16.33 -16.55 -13.75
CA TYR A 469 -15.79 -16.06 -15.05
C TYR A 469 -15.10 -17.19 -15.82
N PHE A 470 -14.13 -17.88 -15.20
CA PHE A 470 -13.44 -19.04 -15.82
C PHE A 470 -14.44 -20.14 -16.23
N ASP A 471 -15.49 -20.40 -15.45
CA ASP A 471 -16.54 -21.39 -15.85
C ASP A 471 -17.27 -20.91 -17.11
N LEU A 472 -17.59 -19.62 -17.23
CA LEU A 472 -18.31 -19.11 -18.42
C LEU A 472 -17.40 -19.24 -19.65
N VAL A 473 -16.10 -18.98 -19.52
CA VAL A 473 -15.16 -19.02 -20.67
C VAL A 473 -14.97 -20.45 -21.18
N ARG A 474 -14.75 -21.39 -20.26
CA ARG A 474 -14.46 -22.80 -20.64
C ARG A 474 -15.73 -23.41 -21.25
N ALA A 475 -16.90 -22.94 -20.83
CA ALA A 475 -18.23 -23.43 -21.28
C ALA A 475 -18.43 -23.16 -22.76
N GLU A 476 -17.63 -22.29 -23.37
CA GLU A 476 -17.61 -22.14 -24.84
C GLU A 476 -17.29 -23.49 -25.52
N GLY A 477 -16.56 -24.38 -24.85
CA GLY A 477 -16.17 -25.67 -25.41
C GLY A 477 -17.08 -26.77 -24.90
N ILE A 478 -18.18 -26.46 -24.20
CA ILE A 478 -19.04 -27.50 -23.55
C ILE A 478 -20.37 -27.60 -24.31
N SER A 479 -20.56 -28.73 -24.99
CA SER A 479 -21.72 -29.02 -25.85
C SER A 479 -23.08 -28.74 -25.19
N GLY A 480 -23.34 -29.25 -24.01
CA GLY A 480 -24.68 -29.04 -23.42
C GLY A 480 -24.80 -27.82 -22.51
N ALA A 481 -23.92 -26.82 -22.60
CA ALA A 481 -24.02 -25.58 -21.79
C ALA A 481 -25.16 -24.73 -22.34
N SER A 482 -26.05 -24.23 -21.49
CA SER A 482 -27.12 -23.27 -21.89
C SER A 482 -26.52 -21.86 -22.03
N ALA A 483 -27.31 -20.96 -22.59
CA ALA A 483 -26.88 -19.59 -22.91
C ALA A 483 -26.45 -18.87 -21.62
N SER A 484 -27.17 -19.09 -20.52
CA SER A 484 -26.91 -18.40 -19.24
C SER A 484 -25.58 -18.88 -18.63
N ASN A 485 -24.97 -19.96 -19.16
CA ASN A 485 -23.77 -20.59 -18.56
C ASN A 485 -22.60 -20.50 -19.55
N LYS A 486 -22.73 -19.69 -20.61
CA LYS A 486 -21.61 -19.51 -21.58
C LYS A 486 -21.22 -18.04 -21.66
N ALA A 487 -19.91 -17.76 -21.72
CA ALA A 487 -19.35 -16.39 -21.77
C ALA A 487 -20.01 -15.54 -22.87
N THR A 488 -20.09 -16.05 -24.12
CA THR A 488 -20.54 -15.21 -25.27
C THR A 488 -21.99 -14.73 -25.10
N THR A 489 -22.82 -15.45 -24.37
CA THR A 489 -24.25 -15.12 -24.20
C THR A 489 -24.55 -14.60 -22.80
N ALA A 490 -23.72 -14.87 -21.79
CA ALA A 490 -23.99 -14.42 -20.41
C ALA A 490 -23.33 -13.06 -20.19
N LEU A 491 -22.18 -12.81 -20.80
CA LEU A 491 -21.37 -11.60 -20.54
C LEU A 491 -21.71 -10.58 -21.63
N VAL A 492 -22.86 -9.98 -21.47
CA VAL A 492 -23.46 -9.05 -22.47
C VAL A 492 -23.80 -7.75 -21.75
N PRO A 493 -24.16 -6.67 -22.51
CA PRO A 493 -24.54 -5.40 -21.89
C PRO A 493 -25.72 -5.55 -20.92
N ASP A 494 -25.70 -4.78 -19.82
CA ASP A 494 -26.79 -4.73 -18.81
C ASP A 494 -27.65 -3.48 -19.02
N GLU A 495 -28.82 -3.46 -18.36
CA GLU A 495 -29.85 -2.39 -18.47
C GLU A 495 -29.38 -1.08 -17.83
N TYR A 496 -28.26 -1.08 -17.10
CA TYR A 496 -27.78 0.11 -16.35
C TYR A 496 -26.72 0.84 -17.16
N GLY A 497 -26.24 0.32 -18.30
CA GLY A 497 -25.20 1.01 -19.09
C GLY A 497 -23.77 0.81 -18.58
N TYR A 498 -23.55 -0.15 -17.69
CA TYR A 498 -22.24 -0.39 -17.03
C TYR A 498 -21.35 -1.20 -17.98
N ARG A 499 -21.71 -2.46 -18.22
CA ARG A 499 -21.08 -3.27 -19.29
C ARG A 499 -21.74 -2.88 -20.60
N THR A 500 -20.96 -2.43 -21.58
CA THR A 500 -21.50 -1.98 -22.90
C THR A 500 -20.94 -2.86 -24.01
N ASN A 501 -20.00 -3.78 -23.73
CA ASN A 501 -19.42 -4.73 -24.71
C ASN A 501 -19.89 -6.15 -24.35
N SER A 502 -19.99 -7.02 -25.34
CA SER A 502 -20.20 -8.48 -25.14
C SER A 502 -18.84 -9.20 -25.17
N TRP A 503 -18.65 -10.18 -24.32
CA TRP A 503 -17.41 -11.00 -24.34
C TRP A 503 -17.31 -11.77 -25.67
N THR A 504 -16.12 -11.79 -26.26
CA THR A 504 -15.75 -12.60 -27.44
C THR A 504 -14.38 -13.22 -27.18
N ALA A 505 -14.02 -14.22 -27.97
CA ALA A 505 -12.85 -15.09 -27.76
C ALA A 505 -11.57 -14.28 -27.65
N LYS A 506 -11.46 -13.15 -28.35
CA LYS A 506 -10.22 -12.34 -28.27
C LYS A 506 -10.04 -11.72 -26.88
N LYS A 507 -11.06 -11.70 -26.03
CA LYS A 507 -11.00 -11.14 -24.67
C LYS A 507 -10.52 -12.22 -23.67
N LYS A 508 -10.29 -13.44 -24.13
CA LYS A 508 -9.89 -14.58 -23.27
C LYS A 508 -8.52 -14.41 -22.64
N TYR A 509 -7.61 -13.69 -23.28
CA TYR A 509 -6.25 -13.43 -22.76
C TYR A 509 -6.10 -11.92 -22.62
N ILE A 510 -5.98 -11.42 -21.39
CA ILE A 510 -5.97 -9.95 -21.14
C ILE A 510 -4.63 -9.38 -21.62
N PRO A 511 -4.55 -8.05 -21.84
CA PRO A 511 -3.28 -7.42 -22.23
C PRO A 511 -2.12 -7.67 -21.25
N ILE A 512 -0.93 -7.86 -21.81
CA ILE A 512 0.36 -7.82 -21.07
C ILE A 512 0.66 -6.34 -20.81
N ALA A 513 1.19 -6.02 -19.63
CA ALA A 513 1.47 -4.63 -19.20
C ALA A 513 2.60 -4.05 -20.06
N GLN A 514 2.46 -2.79 -20.45
CA GLN A 514 3.42 -2.13 -21.37
C GLN A 514 4.85 -2.25 -20.82
N GLY A 515 5.04 -2.16 -19.50
CA GLY A 515 6.33 -2.34 -18.81
C GLY A 515 7.03 -3.64 -19.17
N GLU A 516 6.29 -4.75 -19.29
CA GLU A 516 6.86 -6.07 -19.65
C GLU A 516 7.34 -6.04 -21.10
N LEU A 517 6.55 -5.44 -21.99
CA LEU A 517 6.90 -5.29 -23.42
C LEU A 517 8.17 -4.45 -23.52
N ASP A 518 8.27 -3.37 -22.74
CA ASP A 518 9.43 -2.44 -22.71
C ASP A 518 10.67 -3.18 -22.18
N SER A 519 10.57 -4.06 -21.17
CA SER A 519 11.70 -4.89 -20.66
C SER A 519 12.15 -5.95 -21.66
N ASP A 520 11.22 -6.49 -22.46
CA ASP A 520 11.48 -7.71 -23.25
C ASP A 520 10.95 -7.50 -24.66
N PRO A 521 11.81 -7.08 -25.61
CA PRO A 521 11.34 -6.77 -26.95
C PRO A 521 10.88 -8.02 -27.72
N ALA A 522 11.15 -9.22 -27.20
CA ALA A 522 10.73 -10.49 -27.84
C ALA A 522 9.25 -10.77 -27.56
N LEU A 523 8.66 -10.21 -26.49
CA LEU A 523 7.25 -10.49 -26.11
C LEU A 523 6.31 -9.94 -27.16
N VAL A 524 5.31 -10.73 -27.55
CA VAL A 524 4.23 -10.27 -28.46
C VAL A 524 2.97 -10.01 -27.63
N GLN A 525 2.33 -8.86 -27.85
CA GLN A 525 1.08 -8.46 -27.13
C GLN A 525 -0.02 -9.43 -27.57
N ASN A 526 -0.93 -9.76 -26.65
CA ASN A 526 -2.14 -10.54 -26.98
C ASN A 526 -2.99 -9.69 -27.92
N ALA A 527 -3.68 -10.32 -28.88
CA ALA A 527 -4.60 -9.67 -29.84
C ALA A 527 -5.98 -9.50 -29.18
N TYR A 528 -6.07 -8.64 -28.15
CA TYR A 528 -7.26 -8.45 -27.28
C TYR A 528 -8.17 -7.37 -27.86
N LYS A 529 -7.55 -6.33 -28.43
CA LYS A 529 -8.20 -5.06 -28.84
C LYS A 529 -9.20 -5.35 -29.97
N THR B 43 33.46 -6.51 7.68
CA THR B 43 33.40 -6.07 6.26
C THR B 43 32.92 -4.62 6.21
N ASP B 44 33.69 -3.74 5.58
CA ASP B 44 33.29 -2.34 5.27
C ASP B 44 32.00 -2.40 4.40
N GLU B 45 31.85 -3.45 3.59
CA GLU B 45 30.68 -3.72 2.71
C GLU B 45 29.44 -3.94 3.58
N HIS B 46 29.50 -4.84 4.58
CA HIS B 46 28.34 -5.23 5.43
C HIS B 46 27.98 -4.07 6.37
N ILE B 47 28.95 -3.31 6.87
CA ILE B 47 28.67 -2.10 7.69
C ILE B 47 27.93 -1.08 6.81
N GLN B 48 28.38 -0.83 5.59
CA GLN B 48 27.76 0.17 4.68
C GLN B 48 26.29 -0.21 4.46
N GLU B 49 26.00 -1.52 4.41
CA GLU B 49 24.64 -2.04 4.14
C GLU B 49 23.77 -1.89 5.39
N ALA B 50 24.35 -1.99 6.58
CA ALA B 50 23.64 -1.64 7.84
C ALA B 50 23.33 -0.13 7.89
N LEU B 51 24.20 0.72 7.36
CA LEU B 51 24.02 2.18 7.37
C LEU B 51 22.92 2.56 6.37
N ILE B 52 22.90 1.93 5.20
CA ILE B 52 21.81 2.09 4.21
C ILE B 52 20.48 1.71 4.88
N ALA B 53 20.48 0.61 5.62
CA ALA B 53 19.28 0.08 6.29
C ALA B 53 18.73 1.14 7.25
N ALA B 54 19.63 1.88 7.92
CA ALA B 54 19.27 2.96 8.86
C ALA B 54 18.71 4.19 8.13
N TYR B 55 19.15 4.50 6.91
CA TYR B 55 18.58 5.57 6.03
C TYR B 55 17.19 5.18 5.48
N ASP B 56 16.89 3.88 5.36
CA ASP B 56 15.74 3.38 4.54
C ASP B 56 14.41 3.92 5.07
N PRO B 57 14.17 3.90 6.40
CA PRO B 57 12.88 4.34 6.96
C PRO B 57 12.47 5.78 6.63
N LEU B 58 13.42 6.66 6.28
CA LEU B 58 13.14 8.05 5.83
C LEU B 58 12.10 8.01 4.71
N HIS B 59 12.10 6.94 3.92
CA HIS B 59 11.30 6.77 2.69
C HIS B 59 9.94 6.13 2.99
N TRP B 60 9.77 5.50 4.17
CA TRP B 60 8.64 4.57 4.45
C TRP B 60 7.28 5.26 4.35
N PRO B 61 7.08 6.53 4.78
CA PRO B 61 5.78 7.18 4.63
C PRO B 61 5.27 7.17 3.17
N ASP B 62 6.07 7.71 2.24
CA ASP B 62 5.73 7.87 0.79
C ASP B 62 5.73 6.52 0.06
N TRP B 63 6.33 5.46 0.62
CA TRP B 63 6.31 4.07 0.08
C TRP B 63 5.07 3.34 0.60
N GLY B 64 4.49 3.82 1.72
CA GLY B 64 3.24 3.34 2.34
C GLY B 64 3.47 2.21 3.35
N LEU B 65 3.38 2.53 4.65
CA LEU B 65 3.36 1.55 5.78
C LEU B 65 1.90 1.22 6.09
N GLY B 66 1.25 0.43 5.23
CA GLY B 66 -0.19 0.08 5.28
C GLY B 66 -1.04 1.08 4.48
N GLN B 67 -0.98 2.35 4.87
CA GLN B 67 -1.57 3.49 4.13
C GLN B 67 -0.42 4.36 3.59
N TYR B 68 -0.64 4.99 2.44
CA TYR B 68 0.28 6.02 1.92
C TYR B 68 0.22 7.22 2.88
N ASN B 69 1.35 7.88 3.05
CA ASN B 69 1.50 9.05 3.96
C ASN B 69 2.59 9.95 3.36
N ALA B 70 2.78 11.16 3.90
CA ALA B 70 3.87 12.07 3.53
C ALA B 70 4.17 13.03 4.70
N LEU B 71 5.47 13.32 4.91
CA LEU B 71 5.90 14.15 6.06
C LEU B 71 5.36 15.57 5.91
N ASN B 72 5.29 16.11 4.69
CA ASN B 72 4.74 17.48 4.47
C ASN B 72 3.25 17.48 4.79
N ILE B 73 2.50 16.44 4.41
CA ILE B 73 1.04 16.36 4.76
C ILE B 73 0.91 16.38 6.29
N ASP B 74 1.67 15.53 6.98
CA ASP B 74 1.61 15.41 8.46
C ASP B 74 1.93 16.78 9.08
N GLY B 75 2.87 17.52 8.49
CA GLY B 75 3.32 18.83 8.98
C GLY B 75 2.42 19.98 8.57
N GLU B 76 1.45 19.78 7.67
CA GLU B 76 0.55 20.87 7.20
C GLU B 76 -0.88 20.72 7.76
N ILE B 77 -1.37 19.49 7.99
CA ILE B 77 -2.84 19.28 8.16
C ILE B 77 -3.32 19.91 9.47
N MET B 78 -2.46 20.05 10.46
CA MET B 78 -2.90 20.66 11.74
C MET B 78 -2.75 22.19 11.69
N GLY B 79 -2.20 22.72 10.59
CA GLY B 79 -2.02 24.17 10.42
C GLY B 79 -3.14 24.80 9.60
N ASP B 80 -2.81 25.85 8.84
CA ASP B 80 -3.82 26.72 8.19
C ASP B 80 -3.55 26.92 6.70
N ASN B 81 -2.65 26.17 6.05
CA ASN B 81 -2.36 26.38 4.60
C ASN B 81 -3.38 25.62 3.70
N PHE B 82 -3.88 24.48 4.17
CA PHE B 82 -4.61 23.50 3.32
C PHE B 82 -5.88 23.02 4.02
N TRP B 83 -6.73 22.37 3.24
CA TRP B 83 -7.79 21.47 3.73
C TRP B 83 -7.27 20.05 3.58
N VAL B 84 -7.87 19.12 4.31
CA VAL B 84 -7.45 17.70 4.23
C VAL B 84 -7.92 17.12 2.88
N GLY B 85 -9.18 17.34 2.48
CA GLY B 85 -9.66 16.82 1.20
C GLY B 85 -9.87 15.32 1.27
N GLY B 86 -9.55 14.61 0.19
CA GLY B 86 -9.97 13.21 0.00
C GLY B 86 -11.43 13.11 -0.42
N ALA B 87 -11.93 11.87 -0.57
CA ALA B 87 -13.30 11.59 -1.07
C ALA B 87 -14.33 12.22 -0.14
N THR B 88 -14.17 12.04 1.18
CA THR B 88 -15.06 12.59 2.24
C THR B 88 -14.24 12.75 3.51
N LYS B 89 -14.87 13.18 4.61
CA LYS B 89 -14.22 13.38 5.93
C LYS B 89 -13.88 12.04 6.56
N THR B 90 -14.30 10.91 5.98
CA THR B 90 -13.92 9.56 6.50
C THR B 90 -12.76 8.99 5.67
N ASP B 91 -12.36 9.65 4.61
CA ASP B 91 -11.23 9.25 3.75
C ASP B 91 -9.94 9.78 4.39
N MET B 92 -9.10 8.88 4.89
CA MET B 92 -8.01 9.22 5.85
C MET B 92 -8.64 9.98 7.01
N GLN B 93 -9.56 9.30 7.67
CA GLN B 93 -10.27 9.83 8.85
C GLN B 93 -9.28 10.36 9.90
N ASN B 94 -8.13 9.72 10.07
CA ASN B 94 -7.12 10.17 11.08
C ASN B 94 -6.69 11.60 10.71
N TRP B 95 -6.40 11.85 9.44
CA TRP B 95 -6.00 13.22 9.02
C TRP B 95 -7.11 14.24 9.33
N HIS B 96 -8.37 13.94 9.02
CA HIS B 96 -9.51 14.85 9.27
C HIS B 96 -9.65 15.10 10.76
N MET B 97 -9.47 14.07 11.59
CA MET B 97 -9.65 14.27 13.04
C MET B 97 -8.44 15.05 13.64
N LEU B 98 -7.21 14.77 13.18
CA LEU B 98 -6.02 15.55 13.58
C LEU B 98 -6.23 17.02 13.20
N PHE B 99 -6.69 17.25 11.98
CA PHE B 99 -6.99 18.60 11.45
C PHE B 99 -7.94 19.35 12.40
N ASN B 100 -8.95 18.69 12.97
CA ASN B 100 -10.00 19.32 13.82
C ASN B 100 -9.73 19.08 15.32
N TYR B 101 -8.49 18.73 15.67
CA TYR B 101 -8.03 18.61 17.07
C TYR B 101 -8.94 17.65 17.85
N GLU B 102 -9.36 16.55 17.21
CA GLU B 102 -10.16 15.48 17.86
C GLU B 102 -9.58 14.12 17.47
N ALA B 103 -8.27 14.06 17.25
CA ALA B 103 -7.53 12.79 17.13
C ALA B 103 -7.74 11.97 18.42
N ASN B 104 -7.54 10.66 18.35
CA ASN B 104 -7.66 9.78 19.54
C ASN B 104 -6.78 8.57 19.27
N GLU B 105 -6.79 7.57 20.16
CA GLU B 105 -5.86 6.41 20.12
C GLU B 105 -6.07 5.56 18.86
N ASN B 106 -7.20 5.71 18.16
CA ASN B 106 -7.54 4.91 16.96
C ASN B 106 -7.42 5.77 15.69
N ASN B 107 -7.07 7.06 15.86
CA ASN B 107 -7.12 8.06 14.78
C ASN B 107 -5.98 9.04 15.01
N THR B 108 -4.75 8.64 14.69
CA THR B 108 -3.53 9.45 14.96
C THR B 108 -2.48 9.09 13.91
N LEU B 109 -1.20 9.41 14.14
CA LEU B 109 -0.11 9.11 13.19
C LEU B 109 0.75 7.99 13.77
N GLY B 110 0.12 6.88 14.16
CA GLY B 110 0.83 5.71 14.72
C GLY B 110 1.90 5.19 13.78
N SER B 111 1.69 5.32 12.47
CA SER B 111 2.68 4.85 11.47
C SER B 111 3.99 5.62 11.63
N LEU B 112 3.95 6.93 11.91
CA LEU B 112 5.20 7.72 12.10
C LEU B 112 5.99 7.15 13.28
N TRP B 113 5.29 6.79 14.36
CA TRP B 113 5.91 6.18 15.57
C TRP B 113 6.68 4.91 15.14
N THR B 114 6.04 4.04 14.37
CA THR B 114 6.65 2.77 13.87
C THR B 114 7.85 3.11 12.98
N VAL B 115 7.71 4.05 12.04
CA VAL B 115 8.82 4.44 11.12
C VAL B 115 10.01 4.91 11.96
N ASP B 116 9.75 5.83 12.91
CA ASP B 116 10.81 6.47 13.72
C ASP B 116 11.53 5.41 14.54
N TYR B 117 10.79 4.56 15.28
CA TYR B 117 11.43 3.52 16.14
C TYR B 117 12.14 2.48 15.25
N SER B 118 11.65 2.13 14.07
CA SER B 118 12.37 1.28 13.09
C SER B 118 13.71 1.92 12.76
N GLY B 119 13.67 3.21 12.42
CA GLY B 119 14.88 4.03 12.17
C GLY B 119 15.86 3.91 13.33
N ILE B 120 15.38 4.14 14.55
CA ILE B 120 16.22 4.18 15.77
C ILE B 120 16.84 2.79 16.04
N LYS B 121 16.05 1.74 15.87
CA LYS B 121 16.54 0.36 16.09
C LYS B 121 17.68 0.08 15.10
N ARG B 122 17.54 0.48 13.85
CA ARG B 122 18.56 0.22 12.81
C ARG B 122 19.84 1.02 13.09
N CYS B 123 19.71 2.27 13.59
CA CYS B 123 20.86 3.12 13.98
C CYS B 123 21.57 2.48 15.18
N ASN B 124 20.80 2.02 16.18
CA ASN B 124 21.31 1.33 17.40
C ASN B 124 22.04 0.04 17.00
N ASP B 125 21.50 -0.71 16.06
CA ASP B 125 22.18 -1.90 15.46
C ASP B 125 23.54 -1.49 14.87
N LEU B 126 23.55 -0.56 13.92
CA LEU B 126 24.78 -0.10 13.23
C LEU B 126 25.80 0.27 14.29
N LEU B 127 25.42 1.03 15.35
CA LEU B 127 26.38 1.49 16.38
C LEU B 127 26.89 0.30 17.21
N LYS B 128 26.06 -0.71 17.50
CA LYS B 128 26.51 -1.93 18.21
C LYS B 128 27.56 -2.63 17.33
N TYR B 129 27.26 -2.85 16.04
CA TYR B 129 28.13 -3.54 15.05
C TYR B 129 29.48 -2.84 14.88
N LEU B 130 29.58 -1.52 15.07
CA LEU B 130 30.88 -0.81 14.83
C LEU B 130 31.94 -1.27 15.85
N ASP B 131 31.52 -2.01 16.90
CA ASP B 131 32.41 -2.69 17.88
C ASP B 131 32.77 -4.12 17.45
N TRP B 132 32.44 -4.51 16.21
CA TRP B 132 32.89 -5.77 15.56
C TRP B 132 33.48 -5.46 14.17
N GLY B 133 33.64 -4.17 13.84
CA GLY B 133 34.14 -3.71 12.52
C GLY B 133 35.65 -3.69 12.49
N THR B 134 36.28 -4.86 12.70
CA THR B 134 37.76 -5.03 12.84
C THR B 134 38.43 -4.68 11.51
N ASP B 135 37.71 -4.80 10.38
CA ASP B 135 38.25 -4.64 9.00
C ASP B 135 37.76 -3.30 8.42
N VAL B 136 37.65 -2.25 9.24
CA VAL B 136 37.13 -0.91 8.84
C VAL B 136 38.07 0.15 9.42
N THR B 137 38.47 1.12 8.61
CA THR B 137 39.38 2.23 9.02
C THR B 137 38.79 2.99 10.22
N GLU B 138 39.65 3.62 11.00
CA GLU B 138 39.28 4.54 12.11
C GLU B 138 38.43 5.70 11.55
N ALA B 139 38.93 6.37 10.51
CA ALA B 139 38.28 7.49 9.80
C ALA B 139 36.85 7.10 9.37
N ASN B 140 36.67 5.93 8.74
CA ASN B 140 35.35 5.44 8.24
C ASN B 140 34.45 5.01 9.40
N ARG B 141 35.03 4.40 10.43
CA ARG B 141 34.30 4.02 11.65
C ARG B 141 33.53 5.26 12.14
N LYS B 142 34.26 6.36 12.35
CA LYS B 142 33.74 7.64 12.91
C LYS B 142 32.67 8.19 11.95
N LEU B 143 32.94 8.15 10.65
CA LEU B 143 32.02 8.66 9.61
C LEU B 143 30.69 7.91 9.69
N TYR B 144 30.73 6.57 9.78
CA TYR B 144 29.53 5.71 9.85
C TYR B 144 28.82 6.01 11.18
N GLU B 145 29.61 6.13 12.24
CA GLU B 145 29.08 6.39 13.60
C GLU B 145 28.28 7.67 13.57
N MET B 146 28.84 8.77 13.08
CA MET B 146 28.19 10.09 13.21
C MET B 146 26.97 10.16 12.29
N GLN B 147 26.99 9.44 11.16
CA GLN B 147 25.80 9.36 10.28
C GLN B 147 24.68 8.67 11.06
N ALA B 148 24.99 7.57 11.74
CA ALA B 148 23.96 6.80 12.46
C ALA B 148 23.47 7.64 13.67
N ARG B 149 24.34 8.37 14.37
CA ARG B 149 23.87 9.12 15.55
C ARG B 149 22.97 10.30 15.10
N LEU B 150 23.29 10.89 13.96
CA LEU B 150 22.55 12.06 13.43
C LEU B 150 21.18 11.60 12.90
N LEU B 151 21.15 10.51 12.13
CA LEU B 151 19.89 9.83 11.72
C LEU B 151 19.06 9.53 12.97
N ARG B 152 19.70 8.97 14.01
CA ARG B 152 19.00 8.63 15.26
C ARG B 152 18.39 9.91 15.86
N VAL B 153 19.12 11.02 15.89
CA VAL B 153 18.55 12.30 16.39
C VAL B 153 17.38 12.70 15.49
N PHE B 154 17.53 12.60 14.19
CA PHE B 154 16.46 12.94 13.23
C PHE B 154 15.16 12.17 13.54
N TYR B 155 15.24 10.85 13.65
CA TYR B 155 14.06 9.99 13.95
C TYR B 155 13.45 10.41 15.31
N TYR B 156 14.26 10.59 16.35
CA TYR B 156 13.76 11.03 17.68
C TYR B 156 13.15 12.44 17.61
N ASN B 157 13.77 13.35 16.85
CA ASN B 157 13.23 14.73 16.65
C ASN B 157 11.79 14.63 16.13
N MET B 158 11.53 13.68 15.23
CA MET B 158 10.19 13.49 14.62
C MET B 158 9.25 13.01 15.73
N LEU B 159 9.67 12.02 16.51
CA LEU B 159 8.83 11.51 17.65
C LEU B 159 8.54 12.65 18.62
N TRP B 160 9.58 13.42 18.95
CA TRP B 160 9.46 14.53 19.92
C TRP B 160 8.48 15.58 19.39
N HIS B 161 8.55 15.95 18.11
CA HIS B 161 7.65 17.00 17.54
C HIS B 161 6.17 16.56 17.62
N TYR B 162 5.87 15.31 17.27
CA TYR B 162 4.47 14.81 17.16
C TYR B 162 3.93 14.33 18.52
N PHE B 163 4.68 13.48 19.24
CA PHE B 163 4.16 12.80 20.44
C PHE B 163 4.74 13.39 21.72
N GLY B 164 5.95 13.97 21.63
CA GLY B 164 6.60 14.63 22.78
C GLY B 164 7.14 13.65 23.82
N ASN B 165 6.23 13.01 24.55
CA ASN B 165 6.51 12.17 25.73
C ASN B 165 6.64 10.72 25.25
N VAL B 166 7.87 10.29 24.95
CA VAL B 166 8.10 9.00 24.21
C VAL B 166 9.15 8.15 24.89
N PRO B 167 9.08 6.81 24.74
CA PRO B 167 10.17 5.91 25.08
C PRO B 167 11.49 6.38 24.47
N PHE B 168 12.53 6.40 25.27
CA PHE B 168 13.87 6.93 24.90
C PHE B 168 14.90 5.86 25.27
N TYR B 169 15.62 5.35 24.29
CA TYR B 169 16.72 4.36 24.46
C TYR B 169 17.76 4.56 23.37
N LEU B 170 19.05 4.52 23.75
CA LEU B 170 20.18 4.59 22.79
C LEU B 170 20.84 3.21 22.61
N GLU B 171 20.27 2.14 23.17
CA GLU B 171 20.67 0.73 22.93
C GLU B 171 19.39 -0.09 22.73
N ASN B 172 19.41 -1.04 21.80
CA ASN B 172 18.26 -1.96 21.61
C ASN B 172 18.14 -2.90 22.82
N LEU B 173 16.91 -3.15 23.24
CA LEU B 173 16.55 -3.79 24.53
C LEU B 173 16.84 -5.29 24.43
N SER B 174 17.71 -5.81 25.30
CA SER B 174 18.08 -7.24 25.43
C SER B 174 17.05 -8.00 26.30
N GLU B 175 16.96 -7.66 27.60
CA GLU B 175 16.14 -8.37 28.63
C GLU B 175 14.71 -8.62 28.14
N TYR B 178 10.99 -5.87 27.03
CA TYR B 178 11.44 -5.32 25.72
C TYR B 178 10.79 -3.95 25.50
N THR B 179 10.83 -3.05 26.49
CA THR B 179 10.30 -1.65 26.42
C THR B 179 11.24 -0.70 27.18
N ALA B 180 11.32 0.53 26.71
CA ALA B 180 12.18 1.61 27.24
C ALA B 180 11.31 2.54 28.07
N PRO B 181 11.86 3.26 29.05
CA PRO B 181 11.06 4.18 29.84
C PRO B 181 10.59 5.37 28.99
N GLN B 182 9.38 5.83 29.26
CA GLN B 182 8.78 7.02 28.60
C GLN B 182 9.38 8.27 29.27
N TYR B 183 10.10 9.08 28.51
CA TYR B 183 10.63 10.39 28.97
C TYR B 183 9.59 11.48 28.68
N THR B 184 9.58 12.55 29.46
CA THR B 184 8.78 13.74 29.16
C THR B 184 9.40 14.43 27.94
N ALA B 185 8.61 15.25 27.26
CA ALA B 185 9.11 16.00 26.09
C ALA B 185 10.39 16.74 26.47
N ASP B 186 10.41 17.47 27.59
CA ASP B 186 11.61 18.23 28.03
C ASP B 186 12.82 17.31 28.25
N GLN B 187 12.63 16.09 28.77
CA GLN B 187 13.74 15.11 28.99
C GLN B 187 14.24 14.58 27.64
N VAL B 188 13.34 14.41 26.67
CA VAL B 188 13.75 13.97 25.31
C VAL B 188 14.61 15.07 24.71
N TYR B 189 14.17 16.31 24.81
CA TYR B 189 14.94 17.45 24.28
C TYR B 189 16.34 17.48 24.93
N ALA B 190 16.43 17.43 26.26
CA ALA B 190 17.73 17.50 26.97
C ALA B 190 18.66 16.42 26.42
N GLU B 191 18.16 15.20 26.18
CA GLU B 191 19.01 14.07 25.68
C GLU B 191 19.40 14.32 24.22
N LEU B 192 18.44 14.72 23.39
CA LEU B 192 18.71 14.79 21.93
C LEU B 192 19.67 15.93 21.66
N ILE B 193 19.53 17.04 22.38
CA ILE B 193 20.37 18.24 22.12
C ILE B 193 21.82 17.92 22.55
N ALA B 194 22.00 17.23 23.69
CA ALA B 194 23.32 16.73 24.18
C ALA B 194 23.97 15.86 23.10
N GLU B 195 23.24 14.87 22.60
CA GLU B 195 23.72 13.92 21.55
C GLU B 195 24.09 14.68 20.27
N LEU B 196 23.25 15.62 19.85
CA LEU B 196 23.45 16.36 18.57
C LEU B 196 24.71 17.22 18.69
N GLU B 197 24.86 17.86 19.84
CA GLU B 197 26.07 18.64 20.22
C GLU B 197 27.31 17.75 20.15
N ALA B 198 27.25 16.50 20.59
CA ALA B 198 28.38 15.56 20.50
C ALA B 198 28.68 15.28 19.03
N VAL B 199 27.65 15.06 18.24
CA VAL B 199 27.81 14.77 16.79
C VAL B 199 28.46 16.00 16.11
N ILE B 200 27.93 17.20 16.35
CA ILE B 200 28.40 18.45 15.66
C ILE B 200 29.83 18.76 16.13
N ASP B 201 30.11 18.63 17.42
CA ASP B 201 31.37 19.04 18.07
C ASP B 201 32.52 18.16 17.58
N SER B 202 32.24 16.92 17.24
CA SER B 202 33.25 15.96 16.72
C SER B 202 33.83 16.46 15.39
N LYS B 203 33.04 17.21 14.61
CA LYS B 203 33.45 17.77 13.29
C LYS B 203 33.83 16.63 12.35
N VAL B 204 33.22 15.46 12.50
CA VAL B 204 33.52 14.30 11.63
C VAL B 204 32.81 14.47 10.29
N LEU B 205 31.57 14.96 10.30
CA LEU B 205 30.74 14.92 9.07
C LEU B 205 31.22 16.03 8.13
N PRO B 206 31.27 15.78 6.81
CA PRO B 206 31.57 16.83 5.84
C PRO B 206 30.42 17.87 5.83
N LEU B 207 30.71 19.09 5.42
CA LEU B 207 29.72 20.18 5.42
C LEU B 207 28.62 19.83 4.40
N LYS B 208 29.01 19.40 3.20
CA LYS B 208 28.10 19.28 2.04
C LYS B 208 28.39 17.98 1.27
N TYR B 209 29.64 17.72 0.93
CA TYR B 209 30.02 16.61 0.00
C TYR B 209 30.88 15.58 0.74
N TYR B 210 30.56 14.30 0.58
CA TYR B 210 31.51 13.18 0.85
C TYR B 210 32.53 13.12 -0.31
N LYS B 211 33.67 12.44 -0.11
CA LYS B 211 34.81 12.35 -1.06
C LYS B 211 34.80 10.97 -1.74
N THR B 212 34.89 10.88 -3.08
CA THR B 212 34.97 9.58 -3.84
C THR B 212 36.43 9.21 -4.07
N ASP B 220 35.06 15.08 -4.29
CA ASP B 220 33.67 15.57 -4.07
C ASP B 220 32.72 14.68 -4.87
N ASP B 221 31.80 13.99 -4.20
CA ASP B 221 31.07 12.84 -4.78
C ASP B 221 29.56 13.10 -4.83
N GLU B 222 29.03 13.45 -6.00
CA GLU B 222 27.60 13.78 -6.20
C GLU B 222 26.70 12.56 -5.96
N GLY B 223 27.20 11.35 -6.20
CA GLY B 223 26.44 10.09 -6.01
C GLY B 223 26.00 9.85 -4.58
N GLN B 224 26.66 10.47 -3.58
CA GLN B 224 26.34 10.29 -2.13
C GLN B 224 25.46 11.42 -1.58
N LEU B 225 24.92 12.29 -2.45
CA LEU B 225 23.94 13.32 -2.00
C LEU B 225 22.69 12.59 -1.48
N GLY B 226 22.17 13.03 -0.33
CA GLY B 226 21.17 12.26 0.44
C GLY B 226 21.73 11.84 1.80
N ARG B 227 23.04 11.62 1.92
CA ARG B 227 23.65 11.34 3.25
C ARG B 227 23.45 12.57 4.11
N VAL B 228 23.39 12.36 5.43
CA VAL B 228 23.36 13.43 6.44
C VAL B 228 24.74 14.06 6.49
N THR B 229 24.80 15.37 6.71
CA THR B 229 26.01 16.20 6.64
C THR B 229 26.04 17.13 7.84
N GLN B 230 27.17 17.76 8.10
CA GLN B 230 27.27 18.80 9.16
C GLN B 230 26.23 19.89 8.89
N ALA B 231 26.01 20.28 7.65
CA ALA B 231 25.08 21.39 7.34
C ALA B 231 23.66 20.94 7.70
N MET B 232 23.28 19.71 7.37
CA MET B 232 21.98 19.15 7.82
C MET B 232 21.93 19.15 9.36
N ALA B 233 23.02 18.77 10.04
CA ALA B 233 23.08 18.73 11.52
C ALA B 233 22.82 20.12 12.08
N TYR B 234 23.45 21.14 11.50
CA TYR B 234 23.22 22.54 11.92
C TYR B 234 21.73 22.90 11.83
N MET B 235 21.03 22.47 10.78
CA MET B 235 19.61 22.83 10.52
C MET B 235 18.70 22.10 11.51
N VAL B 236 19.03 20.84 11.83
CA VAL B 236 18.32 20.06 12.88
C VAL B 236 18.51 20.78 14.22
N TYR B 237 19.74 21.20 14.51
CA TYR B 237 20.07 21.93 15.75
C TYR B 237 19.20 23.18 15.89
N ALA B 238 19.20 24.04 14.87
CA ALA B 238 18.42 25.30 14.92
C ALA B 238 16.93 24.94 15.10
N GLU B 239 16.45 23.93 14.37
CA GLU B 239 15.02 23.53 14.40
C GLU B 239 14.63 23.16 15.83
N MET B 240 15.43 22.32 16.49
CA MET B 240 15.06 21.77 17.82
C MET B 240 15.15 22.89 18.86
N VAL B 241 16.22 23.69 18.80
CA VAL B 241 16.44 24.82 19.75
C VAL B 241 15.27 25.80 19.57
N MET B 242 14.86 26.06 18.32
CA MET B 242 13.73 26.99 18.10
C MET B 242 12.40 26.34 18.55
N TYR B 243 12.18 25.06 18.30
CA TYR B 243 10.91 24.38 18.68
C TYR B 243 10.78 24.37 20.21
N GLN B 244 11.90 24.23 20.92
CA GLN B 244 11.95 24.14 22.40
C GLN B 244 11.84 25.56 22.99
N ASN B 245 12.07 26.59 22.19
CA ASN B 245 12.23 28.00 22.69
C ASN B 245 13.34 28.00 23.73
N ASP B 246 14.41 27.26 23.45
CA ASP B 246 15.58 27.19 24.36
C ASP B 246 16.49 28.41 24.09
N GLU B 247 16.17 29.55 24.69
CA GLU B 247 16.98 30.80 24.68
C GLU B 247 18.49 30.56 24.95
N SER B 248 18.85 29.61 25.84
CA SER B 248 20.23 29.29 26.27
C SER B 248 21.06 28.87 25.06
N ARG B 249 20.42 28.38 23.99
CA ARG B 249 21.16 27.92 22.80
C ARG B 249 20.90 28.79 21.57
N PHE B 250 20.20 29.93 21.67
CA PHE B 250 19.91 30.77 20.48
C PHE B 250 21.23 31.22 19.85
N SER B 251 22.24 31.59 20.64
CA SER B 251 23.52 32.13 20.09
C SER B 251 24.29 31.03 19.39
N LYS B 252 24.35 29.84 19.99
CA LYS B 252 25.08 28.71 19.38
C LYS B 252 24.39 28.37 18.06
N ALA B 253 23.06 28.28 18.05
CA ALA B 253 22.28 27.98 16.83
C ALA B 253 22.57 29.08 15.80
N LEU B 254 22.60 30.34 16.22
CA LEU B 254 22.94 31.48 15.31
C LEU B 254 24.34 31.27 14.71
N GLY B 255 25.28 30.91 15.57
CA GLY B 255 26.64 30.56 15.14
C GLY B 255 26.64 29.53 14.03
N TYR B 256 25.86 28.45 14.15
CA TYR B 256 25.87 27.39 13.13
C TYR B 256 25.24 27.91 11.84
N MET B 257 24.20 28.72 11.92
CA MET B 257 23.56 29.34 10.73
C MET B 257 24.59 30.24 10.00
N LYS B 258 25.37 31.01 10.76
CA LYS B 258 26.40 31.94 10.19
C LYS B 258 27.53 31.17 9.51
N GLU B 259 27.92 29.99 10.00
CA GLU B 259 28.89 29.13 9.27
C GLU B 259 28.35 28.84 7.87
N LEU B 260 27.04 28.56 7.77
CA LEU B 260 26.45 28.21 6.45
C LEU B 260 26.42 29.49 5.61
N ILE B 261 26.05 30.61 6.22
CA ILE B 261 25.91 31.88 5.47
C ILE B 261 27.29 32.35 4.99
N ASP B 262 28.35 31.99 5.73
CA ASP B 262 29.74 32.42 5.43
C ASP B 262 30.43 31.40 4.55
N SER B 263 29.80 30.24 4.29
CA SER B 263 30.36 29.16 3.44
C SER B 263 30.27 29.53 1.96
N PRO B 264 31.29 29.20 1.15
CA PRO B 264 31.19 29.37 -0.30
C PRO B 264 30.28 28.36 -1.01
N SER B 265 29.70 27.40 -0.28
CA SER B 265 29.07 26.17 -0.82
C SER B 265 27.55 26.31 -0.97
N PHE B 266 26.93 27.31 -0.35
CA PHE B 266 25.45 27.44 -0.37
C PHE B 266 25.03 28.81 -0.93
N ARG B 267 23.94 28.85 -1.67
CA ARG B 267 23.32 30.11 -2.17
C ARG B 267 21.85 29.86 -2.44
N LEU B 268 21.07 30.92 -2.45
CA LEU B 268 19.67 30.82 -2.95
C LEU B 268 19.66 30.57 -4.46
N ASN B 269 18.79 29.68 -4.91
CA ASN B 269 18.48 29.53 -6.35
C ASN B 269 17.95 30.88 -6.84
N PRO B 270 18.53 31.48 -7.91
CA PRO B 270 17.99 32.73 -8.46
C PRO B 270 16.52 32.64 -8.85
N SER B 271 16.04 31.44 -9.18
CA SER B 271 14.63 31.14 -9.56
C SER B 271 14.03 30.25 -8.46
N PHE B 272 13.05 30.77 -7.73
CA PHE B 272 12.30 29.99 -6.71
C PHE B 272 11.61 28.81 -7.41
N ALA B 273 11.08 29.08 -8.60
CA ALA B 273 10.34 28.09 -9.42
C ALA B 273 11.26 26.92 -9.79
N ASN B 274 12.53 27.20 -10.06
CA ASN B 274 13.51 26.18 -10.54
C ASN B 274 13.87 25.19 -9.42
N ILE B 275 13.69 25.57 -8.15
CA ILE B 275 13.97 24.67 -7.00
C ILE B 275 13.24 23.33 -7.19
N TRP B 276 11.96 23.40 -7.62
CA TRP B 276 10.92 22.32 -7.62
C TRP B 276 11.02 21.42 -8.86
N GLU B 277 11.69 21.88 -9.94
CA GLU B 277 11.95 21.08 -11.15
C GLU B 277 12.96 19.97 -10.81
N THR B 278 12.95 18.89 -11.57
CA THR B 278 13.94 17.79 -11.44
C THR B 278 15.34 18.40 -11.49
N GLU B 279 15.56 19.39 -12.36
CA GLU B 279 16.88 20.05 -12.58
C GLU B 279 17.26 20.86 -11.33
N GLY B 280 16.29 21.20 -10.47
CA GLY B 280 16.54 21.94 -9.21
C GLY B 280 16.94 21.01 -8.07
N GLU B 281 16.86 19.70 -8.27
CA GLU B 281 17.23 18.72 -7.22
C GLU B 281 18.70 18.92 -6.90
N TRP B 282 19.02 18.99 -5.62
CA TRP B 282 20.41 19.18 -5.13
C TRP B 282 21.09 20.39 -5.81
N CYS B 283 20.35 21.45 -6.11
CA CYS B 283 20.90 22.79 -6.42
C CYS B 283 21.62 23.29 -5.15
N ASP B 284 22.37 24.39 -5.25
CA ASP B 284 23.23 24.85 -4.14
C ASP B 284 22.42 25.48 -3.00
N GLU B 285 21.10 25.57 -3.11
CA GLU B 285 20.19 25.98 -1.99
C GLU B 285 19.84 24.76 -1.12
N SER B 286 20.01 23.56 -1.65
CA SER B 286 19.60 22.30 -0.99
C SER B 286 20.61 21.89 0.09
N ILE B 287 20.20 21.89 1.36
CA ILE B 287 21.05 21.41 2.49
C ILE B 287 20.73 19.94 2.68
N TRP B 288 19.45 19.56 2.60
CA TRP B 288 19.07 18.13 2.69
C TRP B 288 17.74 17.82 2.01
N GLU B 289 17.76 16.75 1.25
CA GLU B 289 16.56 16.28 0.52
C GLU B 289 16.43 14.78 0.79
N ILE B 290 15.20 14.28 0.73
CA ILE B 290 14.99 12.81 0.70
C ILE B 290 14.84 12.40 -0.75
N ASN B 291 15.68 11.44 -1.21
CA ASN B 291 15.76 11.00 -2.63
C ASN B 291 14.70 9.92 -2.89
N TYR B 292 13.98 10.03 -4.03
CA TYR B 292 12.91 9.10 -4.50
C TYR B 292 13.17 8.59 -5.94
N GLY B 309 9.96 5.38 -5.97
CA GLY B 309 9.53 6.79 -6.00
C GLY B 309 8.63 7.17 -4.83
N THR B 310 7.92 8.29 -4.93
CA THR B 310 6.98 8.77 -3.88
C THR B 310 5.57 8.80 -4.48
N VAL B 311 4.56 8.53 -3.66
CA VAL B 311 3.14 8.69 -4.05
C VAL B 311 2.65 10.11 -3.78
N LEU B 312 3.47 10.98 -3.17
CA LEU B 312 2.97 12.32 -2.75
C LEU B 312 2.15 12.96 -3.87
N PRO B 313 2.67 13.05 -5.10
CA PRO B 313 1.97 13.79 -6.18
C PRO B 313 0.63 13.14 -6.54
N THR B 314 0.50 11.82 -6.35
CA THR B 314 -0.82 11.15 -6.50
C THR B 314 -1.76 11.64 -5.39
N LEU B 315 -1.29 11.71 -4.16
CA LEU B 315 -2.15 12.05 -2.98
C LEU B 315 -2.79 13.43 -3.16
N ILE B 316 -2.02 14.40 -3.65
CA ILE B 316 -2.34 15.85 -3.50
C ILE B 316 -2.73 16.50 -4.83
N SER B 317 -3.30 15.72 -5.76
CA SER B 317 -3.70 16.17 -7.11
C SER B 317 -5.19 15.95 -7.32
N PRO B 318 -5.85 16.65 -8.27
CA PRO B 318 -7.27 16.45 -8.52
C PRO B 318 -7.62 15.08 -9.13
N ASN B 319 -8.82 14.62 -8.84
CA ASN B 319 -9.34 13.27 -9.21
C ASN B 319 -10.00 13.34 -10.60
N SER B 320 -9.84 12.27 -11.38
CA SER B 320 -10.46 12.13 -12.72
C SER B 320 -10.16 13.37 -13.54
N PHE B 321 -8.89 13.78 -13.49
CA PHE B 321 -8.37 14.99 -14.16
C PHE B 321 -8.37 14.77 -15.68
N PRO B 322 -9.02 15.63 -16.50
CA PRO B 322 -9.03 15.45 -17.96
C PRO B 322 -7.66 15.61 -18.66
N GLY B 323 -6.66 16.13 -17.95
CA GLY B 323 -5.29 16.21 -18.49
C GLY B 323 -4.91 17.63 -18.84
N ASP B 324 -3.62 17.96 -18.70
CA ASP B 324 -3.02 19.22 -19.23
C ASP B 324 -1.78 18.79 -20.01
N ASP B 325 -0.98 19.74 -20.50
CA ASP B 325 0.16 19.42 -21.40
C ASP B 325 1.18 18.56 -20.63
N GLY B 326 1.28 18.72 -19.31
CA GLY B 326 2.29 18.03 -18.49
C GLY B 326 1.82 16.72 -17.88
N TRP B 327 0.49 16.49 -17.80
CA TRP B 327 -0.09 15.32 -17.08
C TRP B 327 -1.33 14.76 -17.82
N SER B 328 -1.26 13.50 -18.24
CA SER B 328 -2.24 12.84 -19.15
C SER B 328 -3.53 12.46 -18.41
N LYS B 329 -4.66 12.45 -19.13
CA LYS B 329 -5.94 11.86 -18.68
C LYS B 329 -5.66 10.43 -18.19
N GLY B 330 -6.43 9.93 -17.21
CA GLY B 330 -6.39 8.51 -16.77
C GLY B 330 -5.25 8.22 -15.81
N ASN B 331 -4.62 9.24 -15.22
CA ASN B 331 -3.67 9.09 -14.07
C ASN B 331 -4.44 9.37 -12.76
N ASP B 332 -3.99 8.80 -11.65
CA ASP B 332 -4.76 8.83 -10.38
C ASP B 332 -4.42 10.14 -9.65
N GLY B 333 -5.44 10.82 -9.14
CA GLY B 333 -5.30 11.94 -8.17
C GLY B 333 -6.28 11.76 -7.03
N TRP B 334 -5.85 11.81 -5.78
CA TRP B 334 -6.80 11.46 -4.69
C TRP B 334 -7.39 12.69 -4.00
N GLY B 335 -6.97 13.90 -4.40
CA GLY B 335 -7.60 15.16 -3.97
C GLY B 335 -7.44 15.45 -2.50
N PHE B 336 -6.37 14.97 -1.87
CA PHE B 336 -5.97 15.45 -0.52
C PHE B 336 -5.25 16.78 -0.66
N MET B 337 -5.21 17.57 0.42
CA MET B 337 -4.49 18.86 0.51
C MET B 337 -4.93 19.83 -0.57
N PRO B 338 -6.23 20.06 -0.78
CA PRO B 338 -6.64 21.22 -1.56
C PRO B 338 -6.05 22.45 -0.85
N MET B 339 -5.52 23.38 -1.63
CA MET B 339 -4.95 24.62 -1.07
C MET B 339 -6.06 25.61 -0.80
N ARG B 340 -6.10 26.15 0.41
CA ARG B 340 -7.10 27.18 0.76
C ARG B 340 -6.97 28.38 -0.18
N LEU B 341 -8.10 28.98 -0.54
CA LEU B 341 -8.13 30.24 -1.33
C LEU B 341 -7.27 31.30 -0.61
N GLU B 342 -7.38 31.32 0.73
CA GLU B 342 -6.71 32.27 1.64
C GLU B 342 -5.19 32.13 1.49
N THR B 343 -4.69 30.92 1.23
CA THR B 343 -3.24 30.68 1.04
C THR B 343 -2.80 31.30 -0.30
N TYR B 344 -3.62 31.17 -1.34
CA TYR B 344 -3.36 31.83 -2.65
C TYR B 344 -3.36 33.34 -2.42
N GLN B 345 -4.33 33.84 -1.68
CA GLN B 345 -4.67 35.29 -1.60
C GLN B 345 -3.62 36.02 -0.75
N MET B 346 -2.86 35.30 0.08
CA MET B 346 -1.90 35.96 0.99
C MET B 346 -0.71 36.49 0.20
N PHE B 347 -0.44 35.97 -1.00
CA PHE B 347 0.68 36.43 -1.84
C PHE B 347 0.28 37.71 -2.56
N SER B 348 1.18 38.68 -2.62
CA SER B 348 1.07 39.83 -3.57
C SER B 348 1.30 39.33 -5.01
N GLU B 349 0.68 40.04 -5.95
CA GLU B 349 0.81 39.90 -7.43
C GLU B 349 2.26 39.67 -7.85
N GLN B 350 3.20 40.44 -7.29
CA GLN B 350 4.60 40.45 -7.77
C GLN B 350 5.43 39.40 -7.01
N ASP B 351 4.85 38.67 -6.06
CA ASP B 351 5.61 37.59 -5.36
C ASP B 351 5.78 36.41 -6.33
N LYS B 352 6.99 36.11 -6.75
CA LYS B 352 7.25 35.00 -7.70
C LYS B 352 6.94 33.65 -7.04
N ARG B 353 6.77 33.60 -5.73
CA ARG B 353 6.43 32.34 -5.02
C ARG B 353 4.98 31.95 -5.31
N ARG B 354 4.10 32.91 -5.63
CA ARG B 354 2.67 32.55 -5.78
C ARG B 354 2.47 31.52 -6.88
N ASP B 355 3.01 31.74 -8.09
CA ASP B 355 2.81 30.81 -9.22
C ASP B 355 3.57 29.49 -9.00
N ALA B 356 4.69 29.51 -8.26
CA ALA B 356 5.47 28.29 -7.99
C ALA B 356 4.83 27.45 -6.87
N THR B 357 3.92 28.02 -6.10
CA THR B 357 3.31 27.42 -4.89
C THR B 357 1.89 26.93 -5.20
N CYS B 358 1.14 27.69 -6.00
CA CYS B 358 -0.31 27.49 -6.22
C CYS B 358 -0.56 27.02 -7.64
N TRP B 359 -1.01 25.79 -7.78
CA TRP B 359 -1.44 25.27 -9.09
C TRP B 359 -2.95 25.58 -9.17
N VAL B 360 -3.31 26.60 -9.93
CA VAL B 360 -4.73 27.03 -10.05
C VAL B 360 -5.31 26.39 -11.30
N ILE B 361 -6.39 25.66 -11.14
CA ILE B 361 -7.11 25.06 -12.30
C ILE B 361 -8.31 25.93 -12.64
N ALA B 362 -8.43 26.30 -13.91
CA ALA B 362 -9.53 27.17 -14.40
C ALA B 362 -10.88 26.58 -13.98
N GLU B 363 -11.83 27.44 -13.60
CA GLU B 363 -13.17 27.05 -13.10
C GLU B 363 -13.90 26.19 -14.15
N ASP B 364 -13.50 26.27 -15.43
CA ASP B 364 -14.18 25.60 -16.56
C ASP B 364 -13.46 24.30 -16.94
N VAL B 365 -12.38 23.94 -16.24
CA VAL B 365 -11.77 22.58 -16.35
C VAL B 365 -12.59 21.71 -15.38
N GLU B 366 -13.22 20.65 -15.90
CA GLU B 366 -14.16 19.83 -15.14
C GLU B 366 -13.38 18.59 -14.71
N TYR B 367 -13.17 18.42 -13.41
CA TYR B 367 -12.61 17.15 -12.89
C TYR B 367 -13.61 16.68 -11.86
N THR B 368 -13.38 15.52 -11.26
CA THR B 368 -14.31 15.04 -10.21
C THR B 368 -13.92 15.71 -8.90
N LYS B 369 -14.72 16.68 -8.47
CA LYS B 369 -14.47 17.47 -7.24
C LYS B 369 -14.63 16.55 -6.04
N ARG B 370 -13.64 16.57 -5.15
CA ARG B 370 -13.66 15.76 -3.92
C ARG B 370 -13.89 16.73 -2.75
N TYR B 371 -13.91 16.22 -1.53
CA TYR B 371 -14.23 17.01 -0.31
C TYR B 371 -13.28 18.24 -0.24
N GLN B 372 -13.88 19.41 -0.07
CA GLN B 372 -13.22 20.71 0.22
C GLN B 372 -12.46 21.20 -1.01
N ASP B 373 -12.85 20.76 -2.20
CA ASP B 373 -12.24 21.25 -3.45
C ASP B 373 -12.21 22.79 -3.43
N THR B 374 -11.13 23.37 -3.95
CA THR B 374 -10.94 24.84 -4.14
C THR B 374 -10.55 25.15 -5.58
N HIS B 375 -10.22 24.12 -6.39
CA HIS B 375 -9.57 24.23 -7.73
C HIS B 375 -8.15 24.81 -7.58
N ILE B 376 -7.55 24.69 -6.39
CA ILE B 376 -6.14 25.12 -6.16
C ILE B 376 -5.43 23.98 -5.45
N TRP B 377 -4.24 23.66 -5.92
CA TRP B 377 -3.41 22.54 -5.40
C TRP B 377 -2.00 23.05 -5.15
N LEU B 378 -1.18 22.24 -4.50
CA LEU B 378 0.26 22.54 -4.35
C LEU B 378 1.01 22.27 -5.67
N GLN B 379 1.64 23.31 -6.23
CA GLN B 379 2.44 23.26 -7.47
C GLN B 379 3.78 22.61 -7.19
N LYS B 380 4.32 22.76 -5.98
CA LYS B 380 5.72 22.35 -5.71
C LYS B 380 5.92 20.86 -5.97
N TYR B 381 4.91 20.02 -5.66
CA TYR B 381 5.01 18.55 -5.80
C TYR B 381 3.88 18.02 -6.67
N ARG B 382 3.39 18.81 -7.64
CA ARG B 382 2.24 18.38 -8.47
C ARG B 382 2.75 17.27 -9.39
N PRO B 383 1.86 16.35 -9.82
CA PRO B 383 2.22 15.29 -10.76
C PRO B 383 2.49 15.81 -12.18
N TYR B 384 3.47 15.21 -12.84
CA TYR B 384 3.85 15.42 -14.26
C TYR B 384 4.15 14.05 -14.87
N ASP B 385 3.68 13.78 -16.09
CA ASP B 385 4.01 12.51 -16.83
C ASP B 385 5.53 12.26 -16.82
N LYS B 386 6.31 13.32 -17.07
CA LYS B 386 7.79 13.19 -17.20
C LYS B 386 8.43 12.76 -15.88
N ASN B 387 7.69 12.82 -14.77
CA ASN B 387 8.21 12.47 -13.42
C ASN B 387 7.77 11.04 -12.98
N PHE B 388 7.01 10.27 -13.76
CA PHE B 388 6.51 8.92 -13.33
C PHE B 388 7.73 8.00 -13.15
N LYS B 389 7.85 7.26 -12.02
CA LYS B 389 9.08 6.49 -11.63
C LYS B 389 8.84 4.97 -11.66
N GLN B 395 -1.61 0.71 -11.87
CA GLN B 395 -1.64 2.15 -12.28
C GLN B 395 -0.43 2.89 -11.68
N ASN B 396 0.11 3.90 -12.38
CA ASN B 396 1.31 4.68 -11.93
C ASN B 396 0.90 5.59 -10.76
N LEU B 397 1.26 5.23 -9.52
CA LEU B 397 1.07 6.10 -8.33
C LEU B 397 2.37 6.85 -7.97
N ASN B 398 3.53 6.35 -8.39
CA ASN B 398 4.86 6.79 -7.90
C ASN B 398 5.51 7.78 -8.87
N TYR B 399 6.16 8.81 -8.31
CA TYR B 399 6.85 9.86 -9.10
C TYR B 399 8.27 10.02 -8.56
N ASN B 400 9.09 10.85 -9.22
CA ASN B 400 10.55 10.91 -8.94
C ASN B 400 10.89 12.12 -8.04
N ASN B 401 9.90 12.88 -7.57
CA ASN B 401 10.15 14.14 -6.84
C ASN B 401 10.88 13.86 -5.51
N ASN B 402 12.13 14.34 -5.36
CA ASN B 402 12.82 14.37 -4.04
C ASN B 402 12.01 15.27 -3.11
N TYR B 403 12.05 14.97 -1.83
CA TYR B 403 11.42 15.83 -0.80
C TYR B 403 12.48 16.78 -0.27
N ARG B 404 12.29 18.06 -0.53
CA ARG B 404 13.24 19.10 -0.07
C ARG B 404 13.00 19.29 1.43
N TYR B 405 13.97 18.95 2.29
CA TYR B 405 13.77 18.96 3.75
C TYR B 405 14.27 20.29 4.31
N TYR B 406 15.50 20.62 3.99
CA TYR B 406 16.18 21.86 4.45
C TYR B 406 16.73 22.61 3.25
N ARG B 407 16.37 23.88 3.16
CA ARG B 407 16.82 24.79 2.10
C ARG B 407 17.56 25.94 2.76
N TYR B 408 18.51 26.52 2.03
CA TYR B 408 19.33 27.68 2.49
C TYR B 408 18.42 28.88 2.81
N ALA B 409 17.22 28.98 2.21
CA ALA B 409 16.25 30.06 2.53
C ALA B 409 15.89 29.93 4.01
N GLU B 410 15.78 28.70 4.49
CA GLU B 410 15.48 28.46 5.93
C GLU B 410 16.69 28.81 6.80
N THR B 411 17.92 28.62 6.30
CA THR B 411 19.15 29.03 6.99
C THR B 411 19.06 30.53 7.23
N LEU B 412 18.70 31.30 6.19
CA LEU B 412 18.66 32.78 6.31
C LEU B 412 17.56 33.20 7.27
N LEU B 413 16.36 32.63 7.16
CA LEU B 413 15.24 33.05 8.03
C LEU B 413 15.50 32.60 9.46
N ASN B 414 16.08 31.40 9.67
CA ASN B 414 16.53 30.92 11.01
C ASN B 414 17.45 31.98 11.63
N ALA B 415 18.49 32.36 10.88
CA ALA B 415 19.53 33.31 11.36
C ALA B 415 18.91 34.67 11.68
N ALA B 416 18.00 35.19 10.84
CA ALA B 416 17.34 36.50 11.07
C ALA B 416 16.54 36.43 12.36
N GLU B 417 15.78 35.36 12.56
CA GLU B 417 15.01 35.23 13.81
C GLU B 417 15.96 35.11 15.00
N LEU B 418 16.99 34.28 14.95
CA LEU B 418 17.88 34.02 16.11
C LEU B 418 18.64 35.30 16.48
N SER B 419 19.07 36.09 15.48
CA SER B 419 19.75 37.38 15.70
C SER B 419 18.82 38.31 16.49
N LEU B 420 17.58 38.48 16.02
CA LEU B 420 16.58 39.41 16.62
C LEU B 420 16.21 38.92 18.01
N ARG B 421 16.19 37.60 18.24
CA ARG B 421 15.80 37.08 19.59
C ARG B 421 17.00 37.01 20.54
N THR B 422 18.20 37.45 20.11
CA THR B 422 19.41 37.53 20.95
C THR B 422 19.92 38.97 20.96
N GLY B 423 19.05 39.94 20.64
CA GLY B 423 19.24 41.39 20.83
C GLY B 423 19.86 42.07 19.62
N GLY B 424 19.92 41.38 18.48
CA GLY B 424 20.47 41.92 17.23
C GLY B 424 19.58 43.04 16.71
N SER B 425 20.08 43.86 15.80
CA SER B 425 19.35 45.05 15.34
C SER B 425 18.34 44.67 14.24
N GLY B 426 17.19 45.33 14.25
CA GLY B 426 16.21 45.28 13.15
C GLY B 426 16.74 45.88 11.85
N THR B 427 17.86 46.61 11.87
CA THR B 427 18.52 47.13 10.64
C THR B 427 19.89 46.48 10.44
N GLY B 428 20.22 45.42 11.18
CA GLY B 428 21.51 44.71 11.06
C GLY B 428 21.42 43.50 10.14
N GLU B 429 22.17 42.46 10.52
CA GLU B 429 22.34 41.23 9.70
C GLU B 429 20.96 40.59 9.47
N ALA B 430 20.05 40.64 10.44
CA ALA B 430 18.67 40.12 10.28
C ALA B 430 17.99 40.76 9.05
N LYS B 431 18.16 42.06 8.85
CA LYS B 431 17.57 42.78 7.70
C LYS B 431 18.22 42.27 6.43
N THR B 432 19.55 42.10 6.45
CA THR B 432 20.28 41.63 5.26
C THR B 432 19.72 40.25 4.84
N TRP B 433 19.63 39.35 5.81
CA TRP B 433 19.28 37.93 5.56
C TRP B 433 17.83 37.83 5.10
N LEU B 434 16.90 38.45 5.85
CA LEU B 434 15.48 38.42 5.45
C LEU B 434 15.33 39.05 4.06
N ASN B 435 16.01 40.16 3.80
CA ASN B 435 15.85 40.89 2.50
C ASN B 435 16.34 40.02 1.33
N GLU B 436 17.34 39.15 1.53
CA GLU B 436 17.88 38.26 0.46
C GLU B 436 16.77 37.29 0.03
N VAL B 437 16.00 36.79 0.98
CA VAL B 437 14.89 35.84 0.68
C VAL B 437 13.80 36.65 -0.04
N ARG B 438 13.47 37.83 0.45
CA ARG B 438 12.39 38.64 -0.14
C ARG B 438 12.77 39.05 -1.56
N THR B 439 14.04 39.41 -1.81
CA THR B 439 14.43 39.91 -3.16
C THR B 439 14.45 38.75 -4.14
N ARG B 440 14.88 37.56 -3.74
CA ARG B 440 14.83 36.37 -4.62
C ARG B 440 13.37 36.15 -5.05
N ALA B 441 12.40 36.35 -4.17
CA ALA B 441 10.96 36.18 -4.45
C ALA B 441 10.41 37.36 -5.29
N GLY B 442 11.22 38.39 -5.56
CA GLY B 442 10.83 39.52 -6.44
C GLY B 442 10.20 40.65 -5.65
N LEU B 443 10.27 40.61 -4.32
CA LEU B 443 9.68 41.65 -3.45
C LEU B 443 10.77 42.68 -3.11
N ALA B 444 10.37 43.87 -2.70
CA ALA B 444 11.31 44.90 -2.19
C ALA B 444 11.79 44.49 -0.79
N GLY B 445 13.05 44.76 -0.46
CA GLY B 445 13.57 44.60 0.91
C GLY B 445 12.88 45.53 1.90
N LEU B 446 12.85 45.15 3.18
CA LEU B 446 12.33 45.98 4.29
C LEU B 446 13.46 46.87 4.82
N ALA B 447 13.10 48.07 5.30
CA ALA B 447 14.01 49.04 5.94
C ALA B 447 14.28 48.61 7.38
N ASN B 448 13.29 47.99 8.03
CA ASN B 448 13.41 47.52 9.44
C ASN B 448 12.66 46.18 9.55
N VAL B 449 13.22 45.22 10.28
CA VAL B 449 12.66 43.85 10.35
C VAL B 449 12.47 43.49 11.82
N THR B 450 11.34 42.84 12.10
CA THR B 450 10.91 42.36 13.44
C THR B 450 10.82 40.84 13.37
N VAL B 451 10.76 40.19 14.53
CA VAL B 451 10.60 38.71 14.58
C VAL B 451 9.33 38.35 13.78
N ASP B 452 8.27 39.14 13.89
CA ASP B 452 6.98 38.82 13.20
C ASP B 452 7.11 38.91 11.67
N ASP B 453 7.88 39.86 11.13
CA ASP B 453 8.21 39.86 9.69
C ASP B 453 8.89 38.54 9.30
N VAL B 454 9.80 38.03 10.12
CA VAL B 454 10.49 36.76 9.80
C VAL B 454 9.43 35.62 9.82
N LEU B 455 8.60 35.52 10.86
CA LEU B 455 7.55 34.47 10.90
C LEU B 455 6.61 34.60 9.69
N THR B 456 6.23 35.81 9.28
CA THR B 456 5.40 36.00 8.04
C THR B 456 6.14 35.51 6.80
N GLU B 457 7.42 35.86 6.64
CA GLU B 457 8.22 35.40 5.48
C GLU B 457 8.28 33.87 5.48
N ARG B 458 8.41 33.21 6.64
CA ARG B 458 8.48 31.73 6.69
C ARG B 458 7.18 31.18 6.11
N ARG B 459 6.05 31.81 6.42
CA ARG B 459 4.72 31.39 5.88
C ARG B 459 4.73 31.45 4.35
N LEU B 460 5.21 32.54 3.76
CA LEU B 460 5.20 32.71 2.28
C LEU B 460 6.18 31.75 1.62
N GLU B 461 7.32 31.49 2.25
CA GLU B 461 8.46 30.77 1.63
C GLU B 461 8.20 29.26 1.60
N PHE B 462 7.49 28.69 2.60
CA PHE B 462 7.50 27.23 2.84
C PHE B 462 6.12 26.59 2.74
N VAL B 463 5.20 27.18 1.98
CA VAL B 463 3.85 26.57 1.77
C VAL B 463 4.05 25.17 1.17
N GLY B 464 3.47 24.15 1.82
CA GLY B 464 3.51 22.74 1.37
C GLY B 464 4.76 22.01 1.78
N GLU B 465 5.65 22.61 2.60
CA GLU B 465 6.95 22.00 3.02
C GLU B 465 6.93 21.56 4.51
N GLY B 466 5.78 21.58 5.17
CA GLY B 466 5.62 21.07 6.53
C GLY B 466 6.28 21.95 7.59
N LYS B 467 6.31 23.28 7.41
CA LYS B 467 6.95 24.18 8.38
C LYS B 467 5.88 24.93 9.20
N ARG B 468 4.77 25.32 8.57
CA ARG B 468 3.80 26.29 9.10
C ARG B 468 3.24 25.83 10.44
N TYR B 469 2.84 24.57 10.59
CA TYR B 469 2.19 24.15 11.86
C TYR B 469 3.17 24.28 13.03
N PHE B 470 4.39 23.74 12.91
CA PHE B 470 5.42 23.80 13.97
C PHE B 470 5.82 25.26 14.24
N ASP B 471 5.81 26.11 13.22
CA ASP B 471 6.10 27.56 13.40
C ASP B 471 4.97 28.17 14.22
N LEU B 472 3.69 27.86 13.91
CA LEU B 472 2.55 28.37 14.72
C LEU B 472 2.67 27.95 16.20
N VAL B 473 3.04 26.71 16.44
CA VAL B 473 3.12 26.13 17.81
C VAL B 473 4.27 26.77 18.60
N ARG B 474 5.47 26.80 18.04
CA ARG B 474 6.66 27.37 18.78
C ARG B 474 6.43 28.86 19.01
N ALA B 475 5.64 29.53 18.15
CA ALA B 475 5.38 30.98 18.23
C ALA B 475 4.50 31.30 19.45
N GLU B 476 3.83 30.31 20.05
CA GLU B 476 3.18 30.48 21.40
C GLU B 476 4.22 31.02 22.42
N GLY B 477 5.51 30.72 22.24
CA GLY B 477 6.60 31.11 23.15
C GLY B 477 7.35 32.36 22.68
N ILE B 478 6.88 33.07 21.64
CA ILE B 478 7.62 34.22 21.02
C ILE B 478 6.85 35.52 21.28
N SER B 479 7.38 36.39 22.14
CA SER B 479 6.77 37.72 22.42
C SER B 479 6.84 38.54 21.13
N GLY B 480 5.75 39.22 20.80
CA GLY B 480 5.69 40.05 19.59
C GLY B 480 5.47 39.23 18.33
N ALA B 481 5.18 37.92 18.43
CA ALA B 481 4.52 37.23 17.31
C ALA B 481 3.12 37.85 17.19
N SER B 482 2.70 38.18 15.99
CA SER B 482 1.31 38.64 15.75
C SER B 482 0.37 37.45 15.88
N ALA B 483 -0.92 37.74 16.06
CA ALA B 483 -2.00 36.73 16.23
C ALA B 483 -2.10 35.86 14.98
N SER B 484 -1.81 36.39 13.81
CA SER B 484 -1.84 35.63 12.55
C SER B 484 -0.70 34.59 12.50
N ASN B 485 0.31 34.64 13.38
CA ASN B 485 1.51 33.77 13.32
C ASN B 485 1.61 32.91 14.57
N LYS B 486 0.53 32.78 15.37
CA LYS B 486 0.53 31.96 16.61
C LYS B 486 -0.61 30.94 16.52
N ALA B 487 -0.38 29.74 17.03
CA ALA B 487 -1.32 28.60 16.97
C ALA B 487 -2.67 28.98 17.59
N THR B 488 -2.69 29.55 18.79
CA THR B 488 -3.94 29.71 19.58
C THR B 488 -4.86 30.64 18.79
N THR B 489 -4.31 31.64 18.10
CA THR B 489 -5.10 32.70 17.45
C THR B 489 -5.36 32.38 15.99
N ALA B 490 -4.44 31.70 15.29
CA ALA B 490 -4.62 31.33 13.87
C ALA B 490 -5.53 30.10 13.74
N LEU B 491 -5.44 29.15 14.66
CA LEU B 491 -5.98 27.79 14.42
C LEU B 491 -7.35 27.70 15.11
N VAL B 492 -8.32 28.46 14.58
CA VAL B 492 -9.68 28.66 15.15
C VAL B 492 -10.71 28.30 14.08
N PRO B 493 -11.97 28.05 14.49
CA PRO B 493 -13.01 27.67 13.52
C PRO B 493 -13.06 28.64 12.34
N ASP B 494 -13.25 28.09 11.14
CA ASP B 494 -13.31 28.85 9.88
C ASP B 494 -14.78 29.10 9.50
N GLU B 495 -14.99 29.98 8.52
CA GLU B 495 -16.34 30.39 8.08
C GLU B 495 -17.01 29.21 7.35
N TYR B 496 -16.26 28.17 6.96
CA TYR B 496 -16.79 27.12 6.04
C TYR B 496 -17.40 25.99 6.86
N GLY B 497 -17.26 26.00 8.20
CA GLY B 497 -17.70 24.89 9.08
C GLY B 497 -16.78 23.66 8.99
N TYR B 498 -15.56 23.75 8.46
CA TYR B 498 -14.64 22.59 8.35
C TYR B 498 -13.93 22.34 9.69
N ARG B 499 -13.06 23.25 10.10
CA ARG B 499 -12.49 23.25 11.48
C ARG B 499 -13.55 23.81 12.42
N THR B 500 -14.02 23.02 13.39
CA THR B 500 -15.04 23.46 14.37
C THR B 500 -14.44 23.55 15.77
N ASN B 501 -13.23 22.99 15.97
CA ASN B 501 -12.50 23.05 17.25
C ASN B 501 -11.37 24.08 17.15
N SER B 502 -10.74 24.43 18.26
CA SER B 502 -9.65 25.42 18.41
C SER B 502 -8.39 24.72 18.93
N TRP B 503 -7.25 25.03 18.34
CA TRP B 503 -5.96 24.60 18.90
C TRP B 503 -5.75 25.23 20.27
N THR B 504 -5.39 24.42 21.26
CA THR B 504 -4.88 24.91 22.56
C THR B 504 -3.67 24.04 22.93
N ALA B 505 -2.96 24.37 24.01
CA ALA B 505 -1.68 23.71 24.36
C ALA B 505 -1.88 22.21 24.46
N LYS B 506 -3.02 21.71 24.93
CA LYS B 506 -3.18 20.25 25.14
C LYS B 506 -3.14 19.51 23.77
N LYS B 507 -3.28 20.22 22.66
CA LYS B 507 -3.23 19.62 21.30
C LYS B 507 -1.78 19.58 20.78
N LYS B 508 -0.81 20.04 21.54
CA LYS B 508 0.60 20.14 21.07
C LYS B 508 1.19 18.76 20.83
N TYR B 509 0.80 17.77 21.63
CA TYR B 509 1.27 16.37 21.56
C TYR B 509 0.08 15.45 21.24
N ILE B 510 0.13 14.82 20.06
CA ILE B 510 -1.01 14.06 19.48
C ILE B 510 -1.09 12.75 20.24
N PRO B 511 -2.24 12.08 20.15
CA PRO B 511 -2.41 10.81 20.88
C PRO B 511 -1.44 9.72 20.39
N ILE B 512 -0.96 8.93 21.34
CA ILE B 512 -0.25 7.66 21.10
C ILE B 512 -1.29 6.64 20.66
N ALA B 513 -0.95 5.82 19.66
CA ALA B 513 -1.88 4.83 19.05
C ALA B 513 -2.16 3.71 20.04
N GLN B 514 -3.36 3.15 19.99
CA GLN B 514 -3.85 2.11 20.93
C GLN B 514 -2.87 0.93 20.91
N GLY B 515 -2.41 0.51 19.73
CA GLY B 515 -1.45 -0.60 19.60
C GLY B 515 -0.23 -0.42 20.51
N GLU B 516 0.29 0.80 20.64
CA GLU B 516 1.47 1.06 21.50
C GLU B 516 1.02 0.92 22.96
N LEU B 517 -0.14 1.46 23.30
CA LEU B 517 -0.65 1.39 24.70
C LEU B 517 -0.83 -0.09 25.05
N ASP B 518 -1.35 -0.90 24.12
CA ASP B 518 -1.62 -2.35 24.29
C ASP B 518 -0.30 -3.10 24.51
N SER B 519 0.75 -2.77 23.75
CA SER B 519 2.07 -3.43 23.86
C SER B 519 2.76 -3.06 25.16
N ASP B 520 2.52 -1.87 25.71
CA ASP B 520 3.33 -1.33 26.83
C ASP B 520 2.41 -0.66 27.85
N PRO B 521 1.96 -1.38 28.89
CA PRO B 521 1.08 -0.79 29.92
C PRO B 521 1.69 0.36 30.72
N ALA B 522 3.02 0.50 30.72
CA ALA B 522 3.71 1.61 31.43
C ALA B 522 3.46 2.94 30.67
N LEU B 523 3.13 2.91 29.38
CA LEU B 523 2.96 4.18 28.58
C LEU B 523 1.79 4.99 29.11
N VAL B 524 1.99 6.28 29.29
CA VAL B 524 0.94 7.24 29.68
C VAL B 524 0.49 7.98 28.41
N GLN B 525 -0.81 7.96 28.13
CA GLN B 525 -1.38 8.68 26.99
C GLN B 525 -1.18 10.18 27.22
N ASN B 526 -0.92 10.95 26.17
CA ASN B 526 -0.92 12.44 26.22
C ASN B 526 -2.32 12.94 26.59
N ALA B 527 -2.39 13.99 27.40
CA ALA B 527 -3.65 14.61 27.87
C ALA B 527 -4.18 15.53 26.78
N TYR B 528 -4.58 14.98 25.64
CA TYR B 528 -4.93 15.72 24.39
C TYR B 528 -6.43 16.04 24.36
N LYS B 529 -7.26 15.11 24.81
CA LYS B 529 -8.75 15.14 24.64
C LYS B 529 -9.31 16.47 25.19
#